data_8A7H
#
_entry.id   8A7H
#
_cell.length_a   139.420
_cell.length_b   139.420
_cell.length_c   89.881
_cell.angle_alpha   90.000
_cell.angle_beta   90.000
_cell.angle_gamma   120.000
#
_symmetry.space_group_name_H-M   'P 31 2 1'
#
loop_
_entity.id
_entity.type
_entity.pdbx_description
1 polymer 'Putative Sensory box protein,Sensor protein FixL'
2 non-polymer "ADENOSINE-5'-TRIPHOSPHATE"
3 non-polymer 'Flavin mononucleotide (semi-quinone intermediate)'
#
_entity_poly.entity_id   1
_entity_poly.type   'polypeptide(L)'
_entity_poly.pdbx_seq_one_letter_code
;MGSSHHHHHHSSGLVPRGSHMINAKLLQLMVEHSNDGIVVAEQEGNESILIYVNPAFERLTGYCADDILYQDCRFLQGED
HDQPGRAIIREAIREGRPCCQVLRNYRKDGSLFWNELSITPVHNEADQLTYYIGIQRDVTEHQQTQARLQELQSELVHVS
RLSAMGEMASALAHELNQPLAAISNYMKGSRRLLAGSSDPNTPKVESALDRAAEQALRAGQIIRRLRDFVARGESEKRVE
SLSKLIEEAGALGLAGAREQNVQLRFSLDPGADLVLADRVQIQQVLVNLFRNALEAMAQSQRRELVVTNTPAADDMIEVE
VSDTGSGFQDDVIPNLFQTFFTTKDTGMGVGLSISRSIIEAHGGRMWAESNASGGATFRFTLPAADEN
;
_entity_poly.pdbx_strand_id   A,B
#
loop_
_chem_comp.id
_chem_comp.type
_chem_comp.name
_chem_comp.formula
ATP non-polymer ADENOSINE-5'-TRIPHOSPHATE 'C10 H16 N5 O13 P3'
JGC non-polymer 'Flavin mononucleotide (semi-quinone intermediate)' 'C17 H23 N4 O9 P'
#
# COMPACT_ATOMS: atom_id res chain seq x y z
N MET A 21 11.42 -46.55 -15.02
CA MET A 21 11.09 -45.14 -14.83
C MET A 21 10.42 -44.58 -16.08
N ILE A 22 11.14 -43.70 -16.77
CA ILE A 22 10.68 -43.06 -18.00
C ILE A 22 11.83 -43.11 -19.01
N ASN A 23 11.51 -43.48 -20.25
CA ASN A 23 12.49 -43.48 -21.33
C ASN A 23 13.31 -42.19 -21.31
N ALA A 24 14.61 -42.31 -21.03
CA ALA A 24 15.47 -41.15 -20.79
C ALA A 24 15.48 -40.20 -21.98
N LYS A 25 15.56 -40.76 -23.20
CA LYS A 25 15.59 -39.91 -24.37
C LYS A 25 14.29 -39.14 -24.55
N LEU A 26 13.16 -39.77 -24.25
CA LEU A 26 11.91 -39.03 -24.22
C LEU A 26 11.96 -37.88 -23.21
N LEU A 27 12.61 -38.10 -22.06
CA LEU A 27 12.75 -37.02 -21.08
C LEU A 27 13.56 -35.88 -21.66
N GLN A 28 14.67 -36.20 -22.32
CA GLN A 28 15.46 -35.18 -23.01
C GLN A 28 14.59 -34.40 -24.00
N LEU A 29 13.76 -35.11 -24.77
CA LEU A 29 12.88 -34.45 -25.73
C LEU A 29 11.90 -33.50 -25.02
N MET A 30 11.27 -33.96 -23.95
CA MET A 30 10.30 -33.13 -23.23
C MET A 30 10.98 -31.89 -22.64
N VAL A 31 12.19 -32.06 -22.11
CA VAL A 31 12.91 -30.92 -21.55
C VAL A 31 13.28 -29.94 -22.65
N GLU A 32 13.72 -30.45 -23.80
CA GLU A 32 14.08 -29.58 -24.92
C GLU A 32 12.88 -28.78 -25.39
N HIS A 33 11.70 -29.40 -25.45
CA HIS A 33 10.52 -28.76 -26.01
C HIS A 33 9.64 -28.08 -24.95
N SER A 34 10.20 -27.74 -23.79
CA SER A 34 9.43 -27.02 -22.78
C SER A 34 9.40 -25.53 -23.08
N ASN A 35 8.39 -24.85 -22.52
CA ASN A 35 8.26 -23.41 -22.68
C ASN A 35 9.06 -22.61 -21.65
N ASP A 36 9.33 -23.18 -20.48
CA ASP A 36 10.15 -22.52 -19.48
C ASP A 36 11.63 -22.80 -19.74
N GLY A 37 12.48 -21.86 -19.37
CA GLY A 37 13.91 -22.00 -19.65
C GLY A 37 14.56 -23.01 -18.71
N ILE A 38 15.37 -23.90 -19.27
CA ILE A 38 16.04 -24.95 -18.52
C ILE A 38 17.50 -24.98 -18.91
N VAL A 39 18.39 -24.92 -17.91
CA VAL A 39 19.83 -24.95 -18.17
C VAL A 39 20.51 -25.94 -17.25
N VAL A 40 21.60 -26.51 -17.75
CA VAL A 40 22.48 -27.40 -16.99
C VAL A 40 23.89 -26.84 -17.07
N ALA A 41 24.52 -26.65 -15.90
CA ALA A 41 25.86 -26.09 -15.81
C ALA A 41 26.75 -27.00 -14.98
N GLU A 42 28.06 -26.81 -15.12
CA GLU A 42 29.08 -27.56 -14.39
C GLU A 42 29.91 -26.61 -13.58
N GLN A 43 30.33 -27.05 -12.38
CA GLN A 43 31.12 -26.19 -11.48
C GLN A 43 32.60 -26.28 -11.84
N GLU A 44 33.23 -25.12 -12.01
CA GLU A 44 34.68 -25.02 -12.22
C GLU A 44 35.21 -23.89 -11.34
N GLY A 45 35.56 -24.22 -10.10
CA GLY A 45 36.00 -23.22 -9.16
C GLY A 45 34.97 -22.17 -8.85
N ASN A 46 35.21 -20.94 -9.31
CA ASN A 46 34.27 -19.84 -9.16
C ASN A 46 33.37 -19.67 -10.37
N GLU A 47 33.46 -20.58 -11.33
CA GLU A 47 32.68 -20.50 -12.57
C GLU A 47 31.61 -21.58 -12.57
N SER A 48 30.53 -21.31 -13.29
CA SER A 48 29.43 -22.27 -13.50
C SER A 48 29.27 -22.30 -15.01
N ILE A 49 29.98 -23.22 -15.67
CA ILE A 49 30.00 -23.24 -17.13
C ILE A 49 28.73 -23.92 -17.63
N LEU A 50 28.09 -23.31 -18.63
CA LEU A 50 26.88 -23.86 -19.22
C LEU A 50 27.23 -25.05 -20.13
N ILE A 51 26.61 -26.19 -19.86
CA ILE A 51 26.80 -27.36 -20.71
C ILE A 51 25.52 -27.76 -21.43
N TYR A 52 24.38 -27.17 -21.09
CA TYR A 52 23.15 -27.47 -21.82
C TYR A 52 22.13 -26.37 -21.63
N VAL A 53 21.47 -26.00 -22.74
CA VAL A 53 20.35 -25.04 -22.72
C VAL A 53 19.26 -25.56 -23.65
N ASN A 54 18.04 -25.06 -23.43
CA ASN A 54 16.90 -25.44 -24.25
C ASN A 54 16.44 -24.25 -25.10
N PRO A 55 15.74 -24.50 -26.20
CA PRO A 55 15.31 -23.40 -27.08
C PRO A 55 14.46 -22.35 -26.38
N ALA A 56 13.73 -22.72 -25.33
CA ALA A 56 13.02 -21.72 -24.55
C ALA A 56 13.98 -20.71 -23.97
N PHE A 57 15.15 -21.18 -23.51
CA PHE A 57 16.17 -20.28 -23.04
C PHE A 57 16.70 -19.40 -24.17
N GLU A 58 16.78 -19.95 -25.39
CA GLU A 58 17.20 -19.14 -26.53
C GLU A 58 16.22 -18.00 -26.80
N ARG A 59 14.94 -18.32 -26.90
CA ARG A 59 13.92 -17.29 -27.13
C ARG A 59 13.89 -16.28 -26.00
N LEU A 60 14.12 -16.75 -24.77
CA LEU A 60 14.09 -15.84 -23.62
C LEU A 60 15.28 -14.88 -23.65
N THR A 61 16.49 -15.41 -23.85
CA THR A 61 17.69 -14.59 -23.78
C THR A 61 18.01 -13.87 -25.09
N GLY A 62 17.46 -14.33 -26.21
CA GLY A 62 17.80 -13.71 -27.47
C GLY A 62 19.19 -14.02 -27.97
N TYR A 63 19.84 -15.04 -27.43
CA TYR A 63 21.15 -15.49 -27.88
C TYR A 63 21.04 -16.88 -28.50
N CYS A 64 22.02 -17.22 -29.32
CA CYS A 64 22.08 -18.56 -29.86
C CYS A 64 22.82 -19.47 -28.90
N ALA A 65 22.59 -20.78 -29.04
CA ALA A 65 23.21 -21.74 -28.14
C ALA A 65 24.73 -21.77 -28.30
N ASP A 66 25.23 -21.87 -29.54
CA ASP A 66 26.66 -21.99 -29.78
C ASP A 66 27.46 -20.78 -29.29
N ASP A 67 26.83 -19.61 -29.18
CA ASP A 67 27.55 -18.44 -28.73
C ASP A 67 27.84 -18.49 -27.24
N ILE A 68 26.92 -19.04 -26.47
CA ILE A 68 26.96 -18.89 -25.02
C ILE A 68 27.44 -20.14 -24.27
N LEU A 69 27.46 -21.29 -24.91
CA LEU A 69 27.77 -22.52 -24.17
C LEU A 69 29.18 -22.47 -23.62
N TYR A 70 29.36 -23.13 -22.46
CA TYR A 70 30.66 -23.31 -21.83
C TYR A 70 31.22 -21.98 -21.32
N GLN A 71 30.32 -21.04 -21.02
CA GLN A 71 30.61 -19.81 -20.28
C GLN A 71 29.74 -19.82 -19.01
N ASP A 72 29.91 -18.80 -18.19
CA ASP A 72 29.05 -18.62 -17.03
C ASP A 72 28.03 -17.52 -17.33
N CYS A 73 26.82 -17.69 -16.75
CA CYS A 73 25.69 -16.79 -16.99
C CYS A 73 25.93 -15.37 -16.47
N ARG A 74 27.04 -15.11 -15.82
CA ARG A 74 27.29 -13.79 -15.30
C ARG A 74 27.06 -12.70 -16.34
N PHE A 75 27.39 -12.99 -17.60
CA PHE A 75 27.28 -12.03 -18.70
C PHE A 75 25.85 -11.55 -18.90
N LEU A 76 24.86 -12.33 -18.47
CA LEU A 76 23.47 -11.90 -18.61
C LEU A 76 23.16 -10.64 -17.79
N GLN A 77 23.95 -10.36 -16.74
CA GLN A 77 23.76 -9.13 -15.98
C GLN A 77 24.23 -7.90 -16.75
N GLY A 78 25.13 -8.05 -17.72
CA GLY A 78 25.55 -6.90 -18.52
C GLY A 78 26.42 -5.97 -17.68
N GLU A 79 26.05 -4.70 -17.64
CA GLU A 79 26.77 -3.69 -16.85
C GLU A 79 26.14 -3.47 -15.48
N ASP A 80 25.05 -4.18 -15.20
CA ASP A 80 24.28 -4.03 -13.96
C ASP A 80 24.80 -5.05 -12.94
N HIS A 81 25.93 -4.74 -12.35
CA HIS A 81 26.67 -5.73 -11.58
C HIS A 81 26.27 -5.79 -10.10
N ASP A 82 25.77 -4.70 -9.52
CA ASP A 82 25.61 -4.63 -8.07
C ASP A 82 24.19 -5.02 -7.64
N GLN A 83 23.81 -6.24 -7.96
CA GLN A 83 22.50 -6.63 -7.46
C GLN A 83 22.66 -7.68 -6.36
N PRO A 84 21.87 -7.57 -5.29
CA PRO A 84 22.03 -8.50 -4.16
C PRO A 84 21.80 -9.95 -4.52
N GLY A 85 20.91 -10.22 -5.47
CA GLY A 85 20.70 -11.60 -5.90
C GLY A 85 22.00 -12.25 -6.35
N ARG A 86 22.94 -11.46 -6.88
CA ARG A 86 24.22 -12.00 -7.28
C ARG A 86 24.96 -12.60 -6.09
N ALA A 87 25.10 -11.83 -5.01
CA ALA A 87 25.81 -12.33 -3.82
C ALA A 87 25.04 -13.47 -3.16
N ILE A 88 23.71 -13.36 -3.13
CA ILE A 88 22.91 -14.45 -2.54
C ILE A 88 23.16 -15.75 -3.28
N ILE A 89 23.14 -15.70 -4.60
CA ILE A 89 23.36 -16.90 -5.42
C ILE A 89 24.79 -17.39 -5.25
N ARG A 90 25.76 -16.48 -5.18
CA ARG A 90 27.14 -16.91 -4.97
C ARG A 90 27.27 -17.71 -3.68
N GLU A 91 26.71 -17.18 -2.58
CA GLU A 91 26.79 -17.89 -1.31
C GLU A 91 26.02 -19.20 -1.33
N ALA A 92 24.85 -19.21 -1.97
CA ALA A 92 24.07 -20.44 -2.05
C ALA A 92 24.81 -21.51 -2.85
N ILE A 93 25.48 -21.10 -3.94
CA ILE A 93 26.24 -22.03 -4.75
C ILE A 93 27.44 -22.54 -3.94
N ARG A 94 28.11 -21.65 -3.23
CA ARG A 94 29.24 -22.06 -2.40
C ARG A 94 28.81 -23.10 -1.37
N GLU A 95 27.77 -22.79 -0.59
CA GLU A 95 27.32 -23.73 0.43
C GLU A 95 26.70 -24.96 -0.18
N GLY A 96 26.20 -24.87 -1.41
CA GLY A 96 25.62 -26.01 -2.09
C GLY A 96 24.11 -26.13 -1.96
N ARG A 97 23.44 -25.16 -1.33
CA ARG A 97 22.00 -25.22 -1.16
C ARG A 97 21.29 -24.65 -2.40
N PRO A 98 20.16 -25.25 -2.76
CA PRO A 98 19.35 -24.68 -3.83
C PRO A 98 18.74 -23.36 -3.39
N CYS A 99 18.39 -22.54 -4.37
CA CYS A 99 17.88 -21.21 -4.07
C CYS A 99 17.02 -20.70 -5.21
N CYS A 100 16.18 -19.70 -4.88
CA CYS A 100 15.36 -19.02 -5.86
C CYS A 100 15.57 -17.53 -5.70
N GLN A 101 15.85 -16.84 -6.81
CA GLN A 101 16.09 -15.40 -6.77
C GLN A 101 15.53 -14.76 -8.04
N VAL A 102 15.57 -13.44 -8.08
CA VAL A 102 15.16 -12.66 -9.24
C VAL A 102 16.30 -11.71 -9.59
N LEU A 103 16.67 -11.67 -10.87
CA LEU A 103 17.75 -10.79 -11.31
C LEU A 103 17.31 -9.95 -12.50
N ARG A 104 18.03 -8.84 -12.69
CA ARG A 104 17.80 -7.95 -13.82
C ARG A 104 18.79 -8.38 -14.91
N ASN A 105 18.28 -8.78 -16.07
CA ASN A 105 19.16 -9.17 -17.16
C ASN A 105 18.80 -8.40 -18.42
N TYR A 106 19.70 -8.48 -19.40
CA TYR A 106 19.53 -7.82 -20.70
C TYR A 106 19.84 -8.83 -21.79
N ARG A 107 19.01 -8.84 -22.83
CA ARG A 107 19.18 -9.78 -23.93
C ARG A 107 20.31 -9.31 -24.86
N LYS A 108 20.44 -9.97 -26.02
CA LYS A 108 21.44 -9.57 -26.99
C LYS A 108 21.09 -8.21 -27.59
N ASP A 109 19.79 -7.94 -27.78
CA ASP A 109 19.37 -6.67 -28.35
C ASP A 109 19.47 -5.51 -27.37
N GLY A 110 19.71 -5.79 -26.08
CA GLY A 110 19.83 -4.74 -25.09
C GLY A 110 18.58 -4.44 -24.30
N SER A 111 17.48 -5.15 -24.56
CA SER A 111 16.26 -4.92 -23.81
C SER A 111 16.38 -5.50 -22.40
N LEU A 112 15.78 -4.82 -21.44
CA LEU A 112 15.80 -5.25 -20.05
C LEU A 112 14.66 -6.22 -19.79
N PHE A 113 14.95 -7.24 -18.98
CA PHE A 113 13.89 -8.13 -18.49
C PHE A 113 14.30 -8.62 -17.10
N TRP A 114 13.31 -9.18 -16.40
CA TRP A 114 13.52 -9.75 -15.07
C TRP A 114 13.42 -11.26 -15.17
N ASN A 115 14.38 -11.95 -14.57
CA ASN A 115 14.50 -13.40 -14.66
C ASN A 115 14.30 -14.00 -13.27
N GLU A 116 13.28 -14.86 -13.14
CA GLU A 116 13.11 -15.70 -11.97
C GLU A 116 13.93 -16.96 -12.16
N LEU A 117 14.93 -17.14 -11.29
CA LEU A 117 15.95 -18.18 -11.45
C LEU A 117 15.94 -19.09 -10.22
N SER A 118 15.71 -20.39 -10.44
CA SER A 118 15.74 -21.39 -9.40
C SER A 118 16.88 -22.36 -9.70
N ILE A 119 17.89 -22.36 -8.83
CA ILE A 119 19.09 -23.18 -9.01
C ILE A 119 19.07 -24.32 -8.01
N THR A 120 19.40 -25.52 -8.48
CA THR A 120 19.53 -26.70 -7.63
C THR A 120 20.87 -27.36 -7.93
N PRO A 121 21.80 -27.40 -6.97
CA PRO A 121 23.06 -28.12 -7.18
C PRO A 121 22.90 -29.62 -6.97
N VAL A 122 23.57 -30.39 -7.82
CA VAL A 122 23.51 -31.86 -7.79
C VAL A 122 24.93 -32.40 -7.97
N HIS A 123 25.29 -33.39 -7.17
CA HIS A 123 26.62 -34.01 -7.23
C HIS A 123 26.52 -35.32 -8.00
N ASN A 124 26.94 -35.29 -9.26
CA ASN A 124 26.99 -36.51 -10.08
C ASN A 124 28.13 -37.38 -9.59
N GLU A 125 27.77 -38.56 -9.04
CA GLU A 125 28.78 -39.49 -8.54
C GLU A 125 29.48 -40.22 -9.70
N ALA A 126 28.77 -40.41 -10.82
CA ALA A 126 29.38 -41.07 -11.97
C ALA A 126 30.61 -40.32 -12.46
N ASP A 127 30.56 -38.98 -12.41
CA ASP A 127 31.70 -38.15 -12.73
C ASP A 127 32.39 -37.60 -11.50
N GLN A 128 31.79 -37.74 -10.32
CA GLN A 128 32.26 -37.11 -9.09
C GLN A 128 32.40 -35.60 -9.28
N LEU A 129 31.42 -35.01 -9.97
CA LEU A 129 31.47 -33.60 -10.35
C LEU A 129 30.21 -32.89 -9.91
N THR A 130 30.34 -31.63 -9.51
CA THR A 130 29.19 -30.82 -9.11
C THR A 130 28.59 -30.12 -10.33
N TYR A 131 27.31 -30.33 -10.56
CA TYR A 131 26.56 -29.66 -11.60
C TYR A 131 25.43 -28.86 -10.96
N TYR A 132 24.81 -28.01 -11.75
CA TYR A 132 23.67 -27.21 -11.31
C TYR A 132 22.59 -27.26 -12.38
N ILE A 133 21.34 -27.35 -11.94
CA ILE A 133 20.19 -27.28 -12.83
C ILE A 133 19.44 -25.99 -12.52
N GLY A 134 19.16 -25.21 -13.57
CA GLY A 134 18.53 -23.90 -13.40
C GLY A 134 17.25 -23.74 -14.18
N ILE A 135 16.17 -23.39 -13.47
CA ILE A 135 14.86 -23.13 -14.06
C ILE A 135 14.68 -21.62 -14.13
N GLN A 136 14.39 -21.10 -15.32
CA GLN A 136 14.26 -19.67 -15.55
C GLN A 136 12.88 -19.35 -16.13
N ARG A 137 12.25 -18.32 -15.59
CA ARG A 137 10.96 -17.83 -16.08
C ARG A 137 11.03 -16.32 -16.27
N ASP A 138 10.34 -15.82 -17.30
CA ASP A 138 10.28 -14.39 -17.58
C ASP A 138 9.15 -13.74 -16.75
N VAL A 139 9.54 -13.02 -15.71
CA VAL A 139 8.59 -12.46 -14.76
C VAL A 139 8.54 -10.94 -14.89
N THR A 140 8.85 -10.44 -16.08
CA THR A 140 8.85 -8.99 -16.29
C THR A 140 7.44 -8.41 -16.14
N GLU A 141 6.42 -9.12 -16.66
CA GLU A 141 5.06 -8.63 -16.57
C GLU A 141 4.62 -8.51 -15.11
N HIS A 142 4.96 -9.51 -14.30
CA HIS A 142 4.59 -9.49 -12.89
C HIS A 142 5.24 -8.32 -12.17
N GLN A 143 6.53 -8.09 -12.42
CA GLN A 143 7.20 -6.98 -11.75
C GLN A 143 6.64 -5.63 -12.18
N GLN A 144 6.37 -5.48 -13.48
CA GLN A 144 5.79 -4.24 -13.98
C GLN A 144 4.43 -3.96 -13.35
N THR A 145 3.59 -4.99 -13.25
CA THR A 145 2.28 -4.81 -12.61
C THR A 145 2.44 -4.46 -11.13
N GLN A 146 3.41 -5.08 -10.46
CA GLN A 146 3.65 -4.74 -9.07
C GLN A 146 4.08 -3.29 -8.92
N ALA A 147 4.93 -2.81 -9.83
CA ALA A 147 5.34 -1.41 -9.80
C ALA A 147 4.16 -0.48 -10.02
N ARG A 148 3.28 -0.83 -10.97
CA ARG A 148 2.08 -0.01 -11.18
C ARG A 148 1.22 0.02 -9.92
N LEU A 149 1.08 -1.12 -9.25
CA LEU A 149 0.26 -1.18 -8.05
C LEU A 149 0.86 -0.34 -6.91
N GLN A 150 2.18 -0.39 -6.74
CA GLN A 150 2.79 0.41 -5.67
C GLN A 150 2.73 1.90 -5.99
N GLU A 151 2.85 2.26 -7.27
CA GLU A 151 2.64 3.65 -7.65
C GLU A 151 1.22 4.11 -7.33
N LEU A 152 0.23 3.26 -7.65
CA LEU A 152 -1.16 3.57 -7.29
C LEU A 152 -1.30 3.73 -5.77
N GLN A 153 -0.63 2.87 -5.00
CA GLN A 153 -0.67 2.98 -3.56
C GLN A 153 -0.16 4.33 -3.08
N SER A 154 1.02 4.72 -3.56
CA SER A 154 1.62 5.98 -3.11
C SER A 154 0.73 7.17 -3.45
N GLU A 155 0.25 7.24 -4.69
CA GLU A 155 -0.56 8.40 -5.06
C GLU A 155 -1.92 8.39 -4.37
N LEU A 156 -2.51 7.21 -4.14
CA LEU A 156 -3.76 7.14 -3.40
C LEU A 156 -3.59 7.63 -1.97
N VAL A 157 -2.51 7.20 -1.31
CA VAL A 157 -2.24 7.67 0.05
C VAL A 157 -2.07 9.18 0.07
N HIS A 158 -1.28 9.72 -0.87
CA HIS A 158 -1.02 11.16 -0.88
C HIS A 158 -2.32 11.95 -1.04
N VAL A 159 -3.14 11.59 -2.03
CA VAL A 159 -4.32 12.41 -2.30
C VAL A 159 -5.39 12.19 -1.24
N SER A 160 -5.43 11.02 -0.60
CA SER A 160 -6.33 10.84 0.53
C SER A 160 -5.92 11.72 1.71
N ARG A 161 -4.62 11.78 1.99
CA ARG A 161 -4.11 12.69 3.03
C ARG A 161 -4.51 14.13 2.73
N LEU A 162 -4.32 14.56 1.48
CA LEU A 162 -4.68 15.91 1.08
C LEU A 162 -6.17 16.18 1.31
N SER A 163 -7.03 15.28 0.83
CA SER A 163 -8.46 15.52 0.93
C SER A 163 -8.92 15.51 2.40
N ALA A 164 -8.34 14.63 3.21
CA ALA A 164 -8.67 14.60 4.62
C ALA A 164 -8.33 15.92 5.29
N MET A 165 -7.11 16.41 5.06
CA MET A 165 -6.69 17.68 5.64
C MET A 165 -7.59 18.82 5.17
N GLY A 166 -7.93 18.82 3.88
CA GLY A 166 -8.78 19.88 3.36
C GLY A 166 -10.15 19.91 3.98
N GLU A 167 -10.80 18.74 4.08
CA GLU A 167 -12.15 18.72 4.66
C GLU A 167 -12.11 19.08 6.15
N MET A 168 -11.12 18.56 6.88
CA MET A 168 -11.00 18.92 8.28
C MET A 168 -10.82 20.43 8.45
N ALA A 169 -9.96 21.03 7.62
CA ALA A 169 -9.73 22.47 7.72
C ALA A 169 -10.98 23.27 7.38
N SER A 170 -11.72 22.87 6.35
CA SER A 170 -12.91 23.63 5.99
C SER A 170 -13.96 23.55 7.09
N ALA A 171 -14.13 22.35 7.69
CA ALA A 171 -15.10 22.22 8.77
C ALA A 171 -14.70 23.05 9.98
N LEU A 172 -13.40 23.01 10.33
CA LEU A 172 -12.92 23.85 11.43
C LEU A 172 -13.11 25.33 11.14
N ALA A 173 -12.87 25.73 9.88
CA ALA A 173 -13.01 27.13 9.51
C ALA A 173 -14.45 27.60 9.69
N HIS A 174 -15.43 26.81 9.25
CA HIS A 174 -16.83 27.19 9.45
C HIS A 174 -17.19 27.22 10.93
N GLU A 175 -16.91 26.12 11.63
CA GLU A 175 -17.33 25.95 13.02
C GLU A 175 -16.65 26.95 13.94
N LEU A 176 -15.53 27.54 13.51
CA LEU A 176 -14.89 28.56 14.30
C LEU A 176 -15.16 29.97 13.78
N ASN A 177 -15.58 30.07 12.52
CA ASN A 177 -15.96 31.36 11.98
C ASN A 177 -17.22 31.87 12.66
N GLN A 178 -18.08 30.95 13.12
CA GLN A 178 -19.26 31.42 13.86
C GLN A 178 -18.88 32.07 15.19
N PRO A 179 -18.24 31.37 16.14
CA PRO A 179 -17.99 32.00 17.45
C PRO A 179 -16.99 33.15 17.41
N LEU A 180 -16.02 33.12 16.49
CA LEU A 180 -15.07 34.22 16.38
C LEU A 180 -15.77 35.51 15.96
N ALA A 181 -16.63 35.42 14.94
CA ALA A 181 -17.40 36.59 14.56
C ALA A 181 -18.31 37.03 15.69
N ALA A 182 -18.87 36.08 16.44
CA ALA A 182 -19.68 36.45 17.60
C ALA A 182 -18.86 37.26 18.60
N ILE A 183 -17.62 36.82 18.86
CA ILE A 183 -16.76 37.51 19.81
C ILE A 183 -16.44 38.92 19.32
N SER A 184 -16.11 39.05 18.04
CA SER A 184 -15.79 40.39 17.50
C SER A 184 -17.00 41.31 17.57
N ASN A 185 -18.20 40.77 17.31
CA ASN A 185 -19.40 41.59 17.41
C ASN A 185 -19.68 42.01 18.84
N TYR A 186 -19.46 41.11 19.80
CA TYR A 186 -19.61 41.51 21.20
C TYR A 186 -18.61 42.58 21.58
N MET A 187 -17.40 42.52 21.02
CA MET A 187 -16.41 43.58 21.27
C MET A 187 -16.90 44.92 20.73
N LYS A 188 -17.37 44.92 19.46
CA LYS A 188 -17.87 46.16 18.87
C LYS A 188 -19.05 46.70 19.66
N GLY A 189 -19.95 45.82 20.10
CA GLY A 189 -21.09 46.28 20.87
C GLY A 189 -20.74 46.86 22.23
N SER A 190 -19.84 46.19 22.95
CA SER A 190 -19.42 46.70 24.25
C SER A 190 -18.69 48.03 24.11
N ARG A 191 -17.87 48.16 23.06
CA ARG A 191 -17.18 49.43 22.84
C ARG A 191 -18.16 50.54 22.48
N ARG A 192 -19.17 50.23 21.67
CA ARG A 192 -20.19 51.22 21.36
C ARG A 192 -20.94 51.63 22.62
N LEU A 193 -21.21 50.67 23.51
CA LEU A 193 -21.91 50.97 24.75
C LEU A 193 -21.07 51.86 25.66
N LEU A 194 -19.78 51.56 25.78
CA LEU A 194 -18.90 52.31 26.65
C LEU A 194 -18.52 53.67 26.09
N ALA A 195 -18.63 53.86 24.77
CA ALA A 195 -18.31 55.16 24.18
C ALA A 195 -19.23 56.24 24.73
N GLY A 196 -20.46 55.89 25.12
CA GLY A 196 -21.36 56.85 25.70
C GLY A 196 -21.15 56.95 27.20
N SER A 197 -19.91 57.22 27.61
CA SER A 197 -19.60 57.32 29.03
C SER A 197 -18.37 58.19 29.24
N SER A 198 -18.20 58.67 30.47
CA SER A 198 -17.07 59.48 30.86
C SER A 198 -16.34 58.98 32.11
N ASP A 199 -16.68 57.79 32.60
CA ASP A 199 -16.17 57.31 33.89
C ASP A 199 -14.66 57.08 33.82
N PRO A 200 -13.97 57.13 34.98
CA PRO A 200 -12.50 56.96 34.96
C PRO A 200 -12.02 55.60 34.49
N ASN A 201 -12.77 54.53 34.76
CA ASN A 201 -12.29 53.21 34.35
C ASN A 201 -12.58 52.91 32.90
N THR A 202 -13.40 53.74 32.23
CA THR A 202 -13.78 53.47 30.85
C THR A 202 -12.59 53.43 29.90
N PRO A 203 -11.64 54.39 29.90
CA PRO A 203 -10.52 54.31 28.95
C PRO A 203 -9.74 53.01 29.08
N LYS A 204 -9.22 52.75 30.28
CA LYS A 204 -8.46 51.53 30.53
C LYS A 204 -9.21 50.32 29.99
N VAL A 205 -10.41 50.06 30.51
CA VAL A 205 -11.23 48.95 30.02
C VAL A 205 -11.29 48.95 28.51
N GLU A 206 -11.60 50.12 27.94
CA GLU A 206 -11.67 50.28 26.49
C GLU A 206 -10.40 49.75 25.83
N SER A 207 -9.25 50.26 26.26
CA SER A 207 -7.97 49.81 25.71
C SER A 207 -7.86 48.29 25.80
N ALA A 208 -8.23 47.73 26.96
CA ALA A 208 -8.17 46.28 27.13
C ALA A 208 -8.92 45.57 26.01
N LEU A 209 -10.16 46.00 25.75
CA LEU A 209 -10.95 45.40 24.68
C LEU A 209 -10.17 45.40 23.38
N ASP A 210 -9.58 46.56 23.05
CA ASP A 210 -8.79 46.67 21.82
C ASP A 210 -7.75 45.57 21.74
N ARG A 211 -6.97 45.39 22.82
CA ARG A 211 -5.96 44.34 22.81
C ARG A 211 -6.59 43.00 22.48
N ALA A 212 -7.66 42.64 23.20
CA ALA A 212 -8.39 41.41 22.90
C ALA A 212 -8.83 41.40 21.45
N ALA A 213 -9.48 42.49 21.02
CA ALA A 213 -9.93 42.59 19.64
C ALA A 213 -8.75 42.38 18.69
N GLU A 214 -7.62 43.02 18.99
CA GLU A 214 -6.41 42.80 18.20
C GLU A 214 -6.15 41.30 18.04
N GLN A 215 -6.02 40.59 19.17
CA GLN A 215 -5.79 39.16 19.12
C GLN A 215 -6.88 38.47 18.33
N ALA A 216 -8.14 38.86 18.56
CA ALA A 216 -9.27 38.27 17.85
C ALA A 216 -9.02 38.28 16.35
N LEU A 217 -8.66 39.45 15.81
CA LEU A 217 -8.44 39.57 14.38
C LEU A 217 -7.43 38.53 13.91
N ARG A 218 -6.29 38.45 14.62
CA ARG A 218 -5.24 37.50 14.24
C ARG A 218 -5.81 36.11 14.06
N ALA A 219 -6.61 35.66 15.04
CA ALA A 219 -7.16 34.31 15.00
C ALA A 219 -7.82 34.04 13.66
N GLY A 220 -8.71 34.96 13.23
CA GLY A 220 -9.38 34.76 11.96
C GLY A 220 -8.39 34.58 10.83
N GLN A 221 -7.44 35.51 10.71
CA GLN A 221 -6.43 35.40 9.67
C GLN A 221 -5.73 34.05 9.74
N ILE A 222 -5.37 33.65 10.97
CA ILE A 222 -4.65 32.39 11.14
C ILE A 222 -5.44 31.26 10.52
N ILE A 223 -6.74 31.20 10.83
CA ILE A 223 -7.58 30.14 10.25
C ILE A 223 -7.44 30.15 8.74
N ARG A 224 -7.71 31.31 8.12
CA ARG A 224 -7.63 31.39 6.67
C ARG A 224 -6.25 30.95 6.20
N ARG A 225 -5.20 31.40 6.89
CA ARG A 225 -3.84 30.97 6.57
C ARG A 225 -3.79 29.46 6.46
N LEU A 226 -4.11 28.76 7.56
CA LEU A 226 -4.06 27.30 7.53
C LEU A 226 -5.04 26.76 6.49
N ARG A 227 -6.19 27.42 6.34
CA ARG A 227 -7.13 27.03 5.29
C ARG A 227 -6.46 27.07 3.93
N ASP A 228 -5.84 28.21 3.60
CA ASP A 228 -5.17 28.29 2.31
C ASP A 228 -3.92 27.42 2.25
N PHE A 229 -3.46 26.90 3.39
CA PHE A 229 -2.36 25.95 3.37
C PHE A 229 -2.85 24.57 2.91
N VAL A 230 -4.12 24.25 3.14
CA VAL A 230 -4.64 22.96 2.70
C VAL A 230 -5.31 23.04 1.34
N ALA A 231 -5.64 24.24 0.88
CA ALA A 231 -6.29 24.41 -0.42
C ALA A 231 -5.29 24.53 -1.57
N ARG A 232 -3.99 24.34 -1.31
CA ARG A 232 -2.98 24.37 -2.36
C ARG A 232 -2.82 23.02 -3.06
N GLY A 233 -3.79 22.13 -2.92
CA GLY A 233 -3.81 20.92 -3.73
C GLY A 233 -4.31 21.20 -5.13
N GLU A 234 -3.59 20.68 -6.12
CA GLU A 234 -3.87 21.02 -7.51
C GLU A 234 -5.22 20.45 -7.95
N SER A 235 -5.95 21.25 -8.75
CA SER A 235 -7.29 20.89 -9.19
C SER A 235 -7.38 20.66 -10.70
N GLU A 236 -6.48 19.85 -11.27
CA GLU A 236 -6.47 19.67 -12.72
C GLU A 236 -7.48 18.60 -13.14
N LYS A 237 -7.79 18.60 -14.43
CA LYS A 237 -8.60 17.55 -15.04
C LYS A 237 -8.03 17.16 -16.40
N ARG A 238 -8.16 15.89 -16.76
CA ARG A 238 -7.62 15.37 -18.02
C ARG A 238 -8.58 14.37 -18.62
N VAL A 239 -8.38 14.05 -19.90
CA VAL A 239 -9.15 12.99 -20.55
C VAL A 239 -8.75 11.63 -19.97
N GLU A 240 -9.73 10.88 -19.47
CA GLU A 240 -9.43 9.64 -18.77
C GLU A 240 -10.39 8.54 -19.22
N SER A 241 -9.85 7.33 -19.36
CA SER A 241 -10.65 6.15 -19.71
C SER A 241 -11.30 5.56 -18.46
N LEU A 242 -12.61 5.36 -18.51
CA LEU A 242 -13.32 4.81 -17.36
C LEU A 242 -12.98 3.35 -17.08
N SER A 243 -12.83 2.54 -18.12
CA SER A 243 -12.40 1.14 -17.96
C SER A 243 -11.10 0.98 -17.17
N LYS A 244 -10.07 1.73 -17.54
CA LYS A 244 -8.77 1.63 -16.87
C LYS A 244 -8.87 2.02 -15.40
N LEU A 245 -9.48 3.17 -15.11
CA LEU A 245 -9.53 3.59 -13.73
C LEU A 245 -10.46 2.72 -12.90
N ILE A 246 -11.45 2.08 -13.55
CA ILE A 246 -12.27 1.12 -12.82
C ILE A 246 -11.45 -0.11 -12.45
N GLU A 247 -10.55 -0.54 -13.33
CA GLU A 247 -9.73 -1.70 -13.00
C GLU A 247 -8.71 -1.36 -11.92
N GLU A 248 -8.08 -0.18 -12.02
CA GLU A 248 -7.15 0.25 -10.98
C GLU A 248 -7.85 0.40 -9.64
N ALA A 249 -9.04 0.99 -9.63
CA ALA A 249 -9.75 1.15 -8.36
C ALA A 249 -10.18 -0.20 -7.80
N GLY A 250 -10.56 -1.15 -8.66
CA GLY A 250 -10.94 -2.45 -8.13
C GLY A 250 -9.73 -3.13 -7.53
N ALA A 251 -8.59 -3.03 -8.23
CA ALA A 251 -7.33 -3.57 -7.75
C ALA A 251 -6.96 -3.03 -6.37
N LEU A 252 -7.26 -1.75 -6.13
CA LEU A 252 -6.94 -1.16 -4.84
C LEU A 252 -7.99 -1.46 -3.77
N GLY A 253 -9.26 -1.18 -4.05
CA GLY A 253 -10.31 -1.16 -3.05
C GLY A 253 -10.93 -2.49 -2.69
N LEU A 254 -10.78 -3.51 -3.53
CA LEU A 254 -11.54 -4.75 -3.42
C LEU A 254 -10.74 -5.89 -2.80
N ALA A 255 -9.98 -5.57 -1.74
CA ALA A 255 -9.21 -6.59 -1.03
C ALA A 255 -10.10 -7.72 -0.52
N GLY A 256 -11.20 -7.38 0.16
CA GLY A 256 -12.06 -8.39 0.75
C GLY A 256 -12.91 -9.18 -0.22
N ALA A 257 -12.89 -8.82 -1.51
CA ALA A 257 -13.78 -9.47 -2.48
C ALA A 257 -13.52 -10.98 -2.55
N ARG A 258 -12.25 -11.38 -2.65
CA ARG A 258 -11.92 -12.80 -2.71
C ARG A 258 -12.30 -13.51 -1.41
N GLU A 259 -11.98 -12.91 -0.27
CA GLU A 259 -12.24 -13.57 1.00
C GLU A 259 -13.72 -13.57 1.36
N GLN A 260 -14.44 -12.51 1.02
CA GLN A 260 -15.86 -12.40 1.35
C GLN A 260 -16.78 -12.82 0.21
N ASN A 261 -16.26 -13.44 -0.85
CA ASN A 261 -17.06 -13.95 -1.96
C ASN A 261 -17.96 -12.85 -2.55
N VAL A 262 -17.33 -11.76 -2.94
CA VAL A 262 -18.03 -10.66 -3.60
C VAL A 262 -18.07 -10.93 -5.10
N GLN A 263 -19.28 -10.90 -5.65
CA GLN A 263 -19.55 -11.11 -7.06
C GLN A 263 -19.42 -9.77 -7.79
N LEU A 264 -18.47 -9.67 -8.71
CA LEU A 264 -18.23 -8.45 -9.45
C LEU A 264 -18.94 -8.47 -10.80
N ARG A 265 -19.60 -7.35 -11.14
CA ARG A 265 -20.25 -7.25 -12.45
C ARG A 265 -19.95 -5.84 -13.00
N PHE A 266 -19.24 -5.80 -14.12
CA PHE A 266 -18.96 -4.57 -14.88
C PHE A 266 -19.81 -4.47 -16.15
N SER A 267 -20.87 -3.68 -16.10
CA SER A 267 -21.71 -3.44 -17.27
C SER A 267 -21.24 -2.13 -17.89
N LEU A 268 -20.29 -2.25 -18.82
CA LEU A 268 -19.60 -1.13 -19.43
C LEU A 268 -20.02 -0.94 -20.87
N ASP A 269 -19.94 0.31 -21.32
CA ASP A 269 -20.21 0.67 -22.71
C ASP A 269 -18.91 1.18 -23.32
N PRO A 270 -18.34 0.47 -24.30
CA PRO A 270 -17.06 0.92 -24.88
C PRO A 270 -17.13 2.25 -25.62
N GLY A 271 -18.31 2.68 -26.07
CA GLY A 271 -18.35 3.96 -26.74
C GLY A 271 -18.34 5.16 -25.82
N ALA A 272 -18.59 4.95 -24.53
CA ALA A 272 -18.63 6.04 -23.57
C ALA A 272 -17.69 5.74 -22.39
N ASP A 273 -16.39 5.84 -22.66
CA ASP A 273 -15.37 5.57 -21.65
C ASP A 273 -14.61 6.80 -21.21
N LEU A 274 -14.49 7.80 -22.07
CA LEU A 274 -13.63 8.94 -21.79
C LEU A 274 -14.43 10.07 -21.14
N VAL A 275 -13.96 10.50 -19.97
CA VAL A 275 -14.55 11.60 -19.24
C VAL A 275 -13.42 12.59 -18.95
N LEU A 276 -13.79 13.82 -18.61
CA LEU A 276 -12.78 14.77 -18.14
C LEU A 276 -12.74 14.69 -16.61
N ALA A 277 -11.66 14.13 -16.09
CA ALA A 277 -11.49 13.88 -14.67
C ALA A 277 -10.01 13.78 -14.37
N ASP A 278 -9.68 13.92 -13.09
CA ASP A 278 -8.37 13.54 -12.59
C ASP A 278 -8.45 12.09 -12.12
N ARG A 279 -7.67 11.21 -12.75
CA ARG A 279 -7.85 9.79 -12.53
C ARG A 279 -7.69 9.43 -11.07
N VAL A 280 -6.78 10.11 -10.36
CA VAL A 280 -6.59 9.83 -8.94
C VAL A 280 -7.82 10.22 -8.12
N GLN A 281 -8.51 11.29 -8.52
CA GLN A 281 -9.71 11.68 -7.76
C GLN A 281 -10.85 10.69 -7.98
N ILE A 282 -11.02 10.22 -9.21
CA ILE A 282 -12.02 9.21 -9.46
C ILE A 282 -11.64 7.89 -8.79
N GLN A 283 -10.35 7.53 -8.83
CA GLN A 283 -9.88 6.40 -8.03
C GLN A 283 -10.29 6.53 -6.57
N GLN A 284 -10.13 7.72 -5.98
CA GLN A 284 -10.42 7.79 -4.54
C GLN A 284 -11.92 7.75 -4.29
N VAL A 285 -12.72 8.29 -5.23
CA VAL A 285 -14.18 8.14 -5.13
C VAL A 285 -14.57 6.68 -5.17
N LEU A 286 -13.99 5.92 -6.10
CA LEU A 286 -14.35 4.52 -6.22
C LEU A 286 -13.83 3.72 -5.05
N VAL A 287 -12.60 3.98 -4.62
CA VAL A 287 -12.03 3.34 -3.43
C VAL A 287 -12.95 3.54 -2.24
N ASN A 288 -13.43 4.76 -2.03
CA ASN A 288 -14.36 5.02 -0.93
C ASN A 288 -15.67 4.23 -1.09
N LEU A 289 -16.21 4.17 -2.32
CA LEU A 289 -17.43 3.39 -2.52
C LEU A 289 -17.20 1.91 -2.24
N PHE A 290 -16.07 1.37 -2.70
CA PHE A 290 -15.78 -0.04 -2.51
C PHE A 290 -15.59 -0.37 -1.03
N ARG A 291 -14.78 0.43 -0.34
CA ARG A 291 -14.58 0.22 1.10
C ARG A 291 -15.90 0.25 1.83
N ASN A 292 -16.77 1.20 1.47
CA ASN A 292 -18.04 1.30 2.17
C ASN A 292 -18.94 0.09 1.88
N ALA A 293 -18.94 -0.39 0.62
CA ALA A 293 -19.79 -1.53 0.32
C ALA A 293 -19.29 -2.81 0.97
N LEU A 294 -17.97 -3.07 0.93
CA LEU A 294 -17.45 -4.26 1.60
C LEU A 294 -17.65 -4.19 3.11
N GLU A 295 -17.46 -3.01 3.72
CA GLU A 295 -17.65 -2.92 5.17
C GLU A 295 -19.12 -3.14 5.53
N ALA A 296 -20.04 -2.56 4.74
CA ALA A 296 -21.46 -2.73 5.00
C ALA A 296 -21.91 -4.17 4.76
N MET A 297 -21.25 -4.89 3.86
CA MET A 297 -21.66 -6.23 3.45
C MET A 297 -21.10 -7.34 4.33
N ALA A 298 -20.75 -7.03 5.58
CA ALA A 298 -20.24 -8.05 6.47
C ALA A 298 -21.29 -9.11 6.77
N GLN A 299 -22.53 -8.69 6.99
CA GLN A 299 -23.66 -9.59 7.23
C GLN A 299 -24.68 -9.42 6.11
N SER A 300 -24.50 -10.16 5.03
CA SER A 300 -25.40 -10.09 3.88
C SER A 300 -25.48 -11.46 3.22
N GLN A 301 -26.70 -11.93 2.97
CA GLN A 301 -26.87 -13.24 2.35
C GLN A 301 -26.41 -13.23 0.91
N ARG A 302 -26.78 -12.19 0.16
CA ARG A 302 -26.33 -11.96 -1.19
C ARG A 302 -25.22 -10.93 -1.19
N ARG A 303 -24.09 -11.27 -1.81
CA ARG A 303 -22.92 -10.38 -1.87
C ARG A 303 -22.56 -10.21 -3.33
N GLU A 304 -23.06 -9.14 -3.92
CA GLU A 304 -22.87 -8.83 -5.33
C GLU A 304 -22.71 -7.32 -5.47
N LEU A 305 -21.65 -6.91 -6.16
CA LEU A 305 -21.34 -5.51 -6.38
C LEU A 305 -21.33 -5.32 -7.89
N VAL A 306 -22.13 -4.38 -8.35
CA VAL A 306 -22.28 -4.10 -9.77
C VAL A 306 -21.91 -2.65 -10.05
N VAL A 307 -21.07 -2.45 -11.06
CA VAL A 307 -20.74 -1.12 -11.56
C VAL A 307 -21.20 -1.07 -13.00
N THR A 308 -21.90 0.00 -13.36
CA THR A 308 -22.54 0.10 -14.67
C THR A 308 -22.49 1.54 -15.16
N ASN A 309 -22.25 1.73 -16.45
CA ASN A 309 -22.39 3.09 -16.97
C ASN A 309 -23.49 3.08 -18.01
N THR A 310 -24.26 4.16 -18.03
CA THR A 310 -25.39 4.36 -18.93
C THR A 310 -25.44 5.81 -19.34
N PRO A 311 -26.03 6.13 -20.48
CA PRO A 311 -26.31 7.54 -20.75
C PRO A 311 -27.30 7.98 -19.69
N ALA A 312 -27.24 9.23 -19.27
CA ALA A 312 -28.23 9.67 -18.29
C ALA A 312 -29.10 10.79 -18.84
N ALA A 313 -28.52 11.93 -19.18
CA ALA A 313 -29.33 13.04 -19.68
C ALA A 313 -28.40 14.16 -20.10
N ASP A 314 -28.85 14.96 -21.06
CA ASP A 314 -28.17 16.19 -21.45
C ASP A 314 -26.68 16.00 -21.67
N ASP A 315 -26.32 15.01 -22.51
CA ASP A 315 -24.92 14.79 -22.87
C ASP A 315 -24.04 14.42 -21.67
N MET A 316 -24.61 13.79 -20.64
CA MET A 316 -23.83 13.32 -19.50
C MET A 316 -24.07 11.84 -19.29
N ILE A 317 -23.08 11.16 -18.72
CA ILE A 317 -23.13 9.71 -18.55
C ILE A 317 -23.02 9.38 -17.07
N GLU A 318 -23.89 8.47 -16.63
CA GLU A 318 -24.07 8.04 -15.24
C GLU A 318 -23.44 6.70 -14.93
N VAL A 319 -22.71 6.67 -13.82
CA VAL A 319 -22.10 5.46 -13.28
C VAL A 319 -22.84 5.08 -12.00
N GLU A 320 -23.24 3.82 -11.91
CA GLU A 320 -23.99 3.27 -10.80
C GLU A 320 -23.14 2.18 -10.15
N VAL A 321 -23.09 2.19 -8.81
CA VAL A 321 -22.43 1.16 -8.02
C VAL A 321 -23.44 0.64 -7.00
N SER A 322 -23.85 -0.61 -7.16
CA SER A 322 -24.87 -1.18 -6.29
C SER A 322 -24.32 -2.35 -5.51
N ASP A 323 -24.77 -2.43 -4.26
CA ASP A 323 -24.42 -3.47 -3.32
C ASP A 323 -25.70 -4.01 -2.68
N THR A 324 -25.55 -5.11 -1.97
CA THR A 324 -26.61 -5.75 -1.19
C THR A 324 -26.27 -5.74 0.29
N GLY A 325 -25.71 -4.63 0.77
CA GLY A 325 -25.24 -4.53 2.13
C GLY A 325 -26.33 -4.24 3.14
N SER A 326 -25.89 -3.84 4.34
CA SER A 326 -26.80 -3.57 5.45
C SER A 326 -27.73 -2.40 5.19
N GLY A 327 -27.38 -1.49 4.28
CA GLY A 327 -28.26 -0.40 3.91
C GLY A 327 -28.38 0.67 4.98
N PHE A 328 -29.39 1.53 4.80
CA PHE A 328 -29.61 2.70 5.62
C PHE A 328 -31.00 2.67 6.24
N GLN A 329 -31.09 2.89 7.55
CA GLN A 329 -32.39 3.17 8.12
C GLN A 329 -32.90 4.51 7.60
N ASP A 330 -34.21 4.71 7.72
CA ASP A 330 -34.84 5.86 7.08
C ASP A 330 -34.29 7.19 7.59
N ASP A 331 -33.86 7.23 8.86
CA ASP A 331 -33.36 8.47 9.43
C ASP A 331 -31.98 8.85 8.94
N VAL A 332 -31.24 7.91 8.34
CA VAL A 332 -29.85 8.14 7.97
C VAL A 332 -29.73 8.72 6.56
N ILE A 333 -30.51 8.20 5.60
CA ILE A 333 -30.26 8.47 4.19
C ILE A 333 -30.04 9.94 3.82
N PRO A 334 -30.88 10.89 4.27
CA PRO A 334 -30.62 12.28 3.84
C PRO A 334 -29.43 12.95 4.51
N ASN A 335 -28.76 12.30 5.47
CA ASN A 335 -27.56 12.83 6.09
C ASN A 335 -26.25 12.28 5.51
N LEU A 336 -26.32 11.52 4.40
CA LEU A 336 -25.13 10.79 3.94
C LEU A 336 -23.97 11.72 3.60
N PHE A 337 -24.22 12.77 2.82
CA PHE A 337 -23.14 13.58 2.29
C PHE A 337 -22.71 14.68 3.23
N GLN A 338 -23.31 14.77 4.41
CA GLN A 338 -22.91 15.77 5.38
C GLN A 338 -21.58 15.39 6.01
N THR A 339 -20.66 16.37 6.13
CA THR A 339 -19.35 16.12 6.70
C THR A 339 -19.44 15.65 8.15
N PHE A 340 -18.70 14.59 8.48
CA PHE A 340 -18.51 14.00 9.80
C PHE A 340 -19.68 13.16 10.30
N PHE A 341 -20.76 12.99 9.55
CA PHE A 341 -21.80 12.06 9.93
C PHE A 341 -21.34 10.65 9.60
N THR A 342 -21.32 9.76 10.59
CA THR A 342 -20.81 8.41 10.40
C THR A 342 -21.71 7.40 11.10
N THR A 343 -21.69 6.19 10.56
CA THR A 343 -22.33 5.02 11.16
C THR A 343 -21.33 4.05 11.75
N LYS A 344 -20.15 3.94 11.13
CA LYS A 344 -19.19 2.92 11.52
C LYS A 344 -18.38 3.39 12.72
N ASP A 345 -18.09 2.45 13.61
CA ASP A 345 -17.31 2.75 14.81
C ASP A 345 -15.91 3.23 14.47
N THR A 346 -15.33 2.73 13.37
CA THR A 346 -13.97 3.09 12.95
C THR A 346 -13.98 4.04 11.76
N GLY A 347 -15.11 4.64 11.43
CA GLY A 347 -15.21 5.56 10.32
C GLY A 347 -14.84 6.98 10.68
N MET A 348 -14.92 7.85 9.66
CA MET A 348 -14.71 9.29 9.85
C MET A 348 -15.72 10.17 9.16
N GLY A 349 -16.55 9.64 8.24
CA GLY A 349 -17.61 10.42 7.63
C GLY A 349 -17.17 11.54 6.72
N VAL A 350 -15.94 11.50 6.21
CA VAL A 350 -15.49 12.49 5.25
C VAL A 350 -15.45 11.90 3.84
N GLY A 351 -15.43 10.58 3.71
CA GLY A 351 -15.35 9.97 2.40
C GLY A 351 -16.43 10.43 1.46
N LEU A 352 -17.70 10.31 1.88
CA LEU A 352 -18.79 10.69 0.99
C LEU A 352 -18.84 12.20 0.74
N SER A 353 -18.48 13.02 1.73
CA SER A 353 -18.50 14.46 1.52
C SER A 353 -17.45 14.89 0.50
N ILE A 354 -16.23 14.36 0.64
CA ILE A 354 -15.18 14.61 -0.33
C ILE A 354 -15.57 14.07 -1.71
N SER A 355 -16.11 12.86 -1.78
CA SER A 355 -16.52 12.32 -3.06
C SER A 355 -17.55 13.21 -3.73
N ARG A 356 -18.58 13.65 -2.99
CA ARG A 356 -19.59 14.52 -3.56
C ARG A 356 -19.00 15.83 -4.04
N SER A 357 -18.06 16.40 -3.28
CA SER A 357 -17.45 17.65 -3.73
C SER A 357 -16.63 17.44 -4.99
N ILE A 358 -15.98 16.28 -5.12
CA ILE A 358 -15.21 15.96 -6.31
C ILE A 358 -16.13 15.82 -7.52
N ILE A 359 -17.22 15.06 -7.37
CA ILE A 359 -18.17 14.88 -8.48
C ILE A 359 -18.79 16.21 -8.89
N GLU A 360 -19.19 17.03 -7.91
CA GLU A 360 -19.79 18.32 -8.26
C GLU A 360 -18.77 19.28 -8.88
N ALA A 361 -17.51 19.21 -8.46
CA ALA A 361 -16.47 20.02 -9.08
C ALA A 361 -16.22 19.59 -10.52
N HIS A 362 -16.52 18.34 -10.85
CA HIS A 362 -16.41 17.84 -12.22
C HIS A 362 -17.64 18.17 -13.05
N GLY A 363 -18.60 18.89 -12.47
CA GLY A 363 -19.80 19.28 -13.17
C GLY A 363 -20.94 18.29 -13.08
N GLY A 364 -20.79 17.23 -12.27
CA GLY A 364 -21.81 16.21 -12.15
C GLY A 364 -22.61 16.33 -10.86
N ARG A 365 -23.51 15.37 -10.67
CA ARG A 365 -24.37 15.30 -9.50
C ARG A 365 -24.33 13.88 -8.96
N MET A 366 -24.04 13.75 -7.67
CA MET A 366 -23.95 12.44 -7.03
C MET A 366 -25.04 12.33 -5.97
N TRP A 367 -25.68 11.16 -5.90
CA TRP A 367 -26.72 10.94 -4.91
C TRP A 367 -26.86 9.44 -4.64
N ALA A 368 -27.68 9.12 -3.65
CA ALA A 368 -27.81 7.75 -3.13
C ALA A 368 -29.28 7.42 -2.92
N GLU A 369 -29.57 6.13 -2.88
CA GLU A 369 -30.90 5.63 -2.59
C GLU A 369 -30.79 4.19 -2.10
N SER A 370 -31.79 3.75 -1.34
CA SER A 370 -31.89 2.35 -0.95
C SER A 370 -32.31 1.49 -2.15
N ASN A 371 -31.77 0.27 -2.19
CA ASN A 371 -32.05 -0.68 -3.26
C ASN A 371 -33.13 -1.67 -2.82
N ALA A 372 -33.71 -2.35 -3.82
CA ALA A 372 -34.75 -3.32 -3.53
C ALA A 372 -34.20 -4.54 -2.80
N SER A 373 -32.89 -4.76 -2.87
CA SER A 373 -32.27 -5.89 -2.20
C SER A 373 -31.94 -5.60 -0.74
N GLY A 374 -32.30 -4.42 -0.25
CA GLY A 374 -31.99 -4.03 1.11
C GLY A 374 -30.61 -3.45 1.29
N GLY A 375 -29.83 -3.35 0.22
CA GLY A 375 -28.48 -2.82 0.29
C GLY A 375 -28.43 -1.33 0.00
N ALA A 376 -27.77 -0.97 -1.09
CA ALA A 376 -27.55 0.43 -1.42
C ALA A 376 -27.08 0.56 -2.85
N THR A 377 -27.57 1.59 -3.54
CA THR A 377 -27.13 1.95 -4.88
C THR A 377 -26.67 3.40 -4.83
N PHE A 378 -25.44 3.66 -5.25
CA PHE A 378 -24.91 5.01 -5.37
C PHE A 378 -24.75 5.35 -6.84
N ARG A 379 -25.07 6.60 -7.20
CA ARG A 379 -24.90 7.06 -8.57
C ARG A 379 -24.12 8.37 -8.60
N PHE A 380 -23.31 8.54 -9.66
CA PHE A 380 -22.73 9.84 -9.97
C PHE A 380 -22.70 10.02 -11.47
N THR A 381 -22.57 11.28 -11.92
CA THR A 381 -22.51 11.56 -13.34
C THR A 381 -21.19 12.25 -13.69
N LEU A 382 -20.71 11.97 -14.90
CA LEU A 382 -19.56 12.65 -15.46
C LEU A 382 -19.80 12.98 -16.91
N MET B 21 20.92 -32.53 -26.78
CA MET B 21 21.98 -33.24 -27.49
C MET B 21 23.21 -33.44 -26.62
N ILE B 22 23.13 -33.13 -25.30
CA ILE B 22 24.32 -33.21 -24.45
C ILE B 22 24.10 -34.21 -23.31
N ASN B 23 24.80 -35.37 -23.36
CA ASN B 23 24.84 -36.45 -22.37
C ASN B 23 23.54 -37.23 -22.21
N ALA B 24 22.37 -36.61 -22.25
CA ALA B 24 21.05 -37.22 -22.19
C ALA B 24 20.75 -38.03 -20.94
N LYS B 25 21.61 -39.00 -20.54
CA LYS B 25 21.34 -39.77 -19.36
C LYS B 25 21.59 -38.93 -18.16
N LEU B 26 22.72 -38.17 -18.19
CA LEU B 26 23.01 -37.22 -17.14
C LEU B 26 21.80 -36.34 -16.92
N LEU B 27 21.10 -36.00 -17.99
CA LEU B 27 19.99 -35.11 -17.85
C LEU B 27 18.91 -35.69 -16.95
N GLN B 28 18.54 -36.95 -17.18
CA GLN B 28 17.51 -37.57 -16.32
C GLN B 28 17.89 -37.44 -14.86
N LEU B 29 19.18 -37.65 -14.55
CA LEU B 29 19.61 -37.45 -13.17
C LEU B 29 19.38 -36.00 -12.71
N MET B 30 19.75 -35.05 -13.56
CA MET B 30 19.60 -33.63 -13.18
C MET B 30 18.14 -33.28 -12.91
N VAL B 31 17.23 -33.81 -13.72
CA VAL B 31 15.81 -33.56 -13.53
C VAL B 31 15.31 -34.23 -12.27
N GLU B 32 15.78 -35.45 -12.00
CA GLU B 32 15.34 -36.18 -10.82
C GLU B 32 15.72 -35.44 -9.55
N HIS B 33 16.91 -34.85 -9.51
CA HIS B 33 17.39 -34.21 -8.30
C HIS B 33 17.11 -32.70 -8.27
N SER B 34 16.09 -32.24 -8.99
CA SER B 34 15.77 -30.82 -8.92
C SER B 34 14.97 -30.51 -7.66
N ASN B 35 15.02 -29.25 -7.25
CA ASN B 35 14.25 -28.76 -6.11
C ASN B 35 12.85 -28.32 -6.51
N ASP B 36 12.67 -27.91 -7.77
CA ASP B 36 11.35 -27.57 -8.29
C ASP B 36 10.65 -28.81 -8.83
N GLY B 37 9.34 -28.81 -8.76
CA GLY B 37 8.59 -29.99 -9.18
C GLY B 37 8.55 -30.12 -10.69
N ILE B 38 8.84 -31.31 -11.20
CA ILE B 38 8.85 -31.58 -12.62
C ILE B 38 8.08 -32.87 -12.88
N VAL B 39 7.09 -32.81 -13.75
CA VAL B 39 6.28 -34.00 -14.07
C VAL B 39 6.12 -34.13 -15.58
N VAL B 40 5.99 -35.36 -16.04
CA VAL B 40 5.68 -35.65 -17.43
C VAL B 40 4.43 -36.53 -17.44
N ALA B 41 3.43 -36.12 -18.22
CA ALA B 41 2.18 -36.83 -18.34
C ALA B 41 1.89 -37.09 -19.80
N GLU B 42 0.99 -38.02 -20.06
CA GLU B 42 0.61 -38.37 -21.43
C GLU B 42 -0.88 -38.12 -21.63
N GLN B 43 -1.24 -37.73 -22.85
CA GLN B 43 -2.62 -37.42 -23.19
C GLN B 43 -3.37 -38.71 -23.51
N GLU B 44 -4.55 -38.85 -22.93
CA GLU B 44 -5.44 -39.99 -23.19
C GLU B 44 -6.79 -39.36 -23.51
N GLY B 45 -7.01 -39.04 -24.79
CA GLY B 45 -8.21 -38.34 -25.19
C GLY B 45 -8.25 -36.97 -24.52
N ASN B 46 -9.17 -36.78 -23.58
CA ASN B 46 -9.24 -35.58 -22.78
C ASN B 46 -8.54 -35.71 -21.44
N GLU B 47 -7.83 -36.83 -21.21
CA GLU B 47 -7.20 -37.11 -19.93
C GLU B 47 -5.69 -36.95 -20.05
N SER B 48 -5.05 -36.64 -18.92
CA SER B 48 -3.60 -36.47 -18.83
C SER B 48 -3.06 -37.35 -17.70
N ILE B 49 -2.68 -38.59 -18.05
CA ILE B 49 -2.22 -39.55 -17.07
C ILE B 49 -0.76 -39.30 -16.72
N LEU B 50 -0.44 -39.36 -15.43
CA LEU B 50 0.93 -39.14 -14.98
C LEU B 50 1.81 -40.35 -15.32
N ILE B 51 2.89 -40.12 -16.06
CA ILE B 51 3.83 -41.18 -16.39
C ILE B 51 5.21 -40.96 -15.80
N TYR B 52 5.50 -39.79 -15.23
CA TYR B 52 6.77 -39.58 -14.56
C TYR B 52 6.69 -38.40 -13.60
N VAL B 53 7.25 -38.60 -12.40
CA VAL B 53 7.36 -37.53 -11.40
C VAL B 53 8.73 -37.64 -10.75
N ASN B 54 9.16 -36.54 -10.13
CA ASN B 54 10.44 -36.46 -9.43
C ASN B 54 10.22 -36.37 -7.92
N PRO B 55 11.23 -36.73 -7.12
CA PRO B 55 11.04 -36.68 -5.66
C PRO B 55 10.61 -35.32 -5.14
N ALA B 56 10.94 -34.24 -5.86
CA ALA B 56 10.44 -32.92 -5.48
C ALA B 56 8.91 -32.89 -5.53
N PHE B 57 8.31 -33.54 -6.52
CA PHE B 57 6.85 -33.61 -6.57
C PHE B 57 6.30 -34.43 -5.41
N GLU B 58 7.00 -35.48 -5.00
CA GLU B 58 6.58 -36.25 -3.83
C GLU B 58 6.58 -35.37 -2.58
N ARG B 59 7.68 -34.64 -2.36
CA ARG B 59 7.76 -33.74 -1.22
C ARG B 59 6.66 -32.69 -1.29
N LEU B 60 6.34 -32.22 -2.49
CA LEU B 60 5.32 -31.19 -2.64
C LEU B 60 3.93 -31.72 -2.31
N THR B 61 3.55 -32.86 -2.88
CA THR B 61 2.20 -33.39 -2.69
C THR B 61 2.08 -34.22 -1.43
N GLY B 62 3.18 -34.72 -0.89
CA GLY B 62 3.09 -35.62 0.25
C GLY B 62 2.60 -36.99 -0.11
N TYR B 63 2.64 -37.35 -1.39
CA TYR B 63 2.26 -38.68 -1.86
C TYR B 63 3.46 -39.41 -2.41
N CYS B 64 3.33 -40.74 -2.46
CA CYS B 64 4.34 -41.62 -3.03
C CYS B 64 4.14 -41.75 -4.55
N ALA B 65 5.23 -42.14 -5.23
CA ALA B 65 5.16 -42.30 -6.68
C ALA B 65 4.19 -43.40 -7.06
N ASP B 66 4.35 -44.59 -6.46
CA ASP B 66 3.44 -45.68 -6.77
C ASP B 66 2.01 -45.35 -6.36
N ASP B 67 1.85 -44.46 -5.37
CA ASP B 67 0.54 -44.05 -4.93
C ASP B 67 -0.10 -43.08 -5.95
N ILE B 68 0.71 -42.21 -6.54
CA ILE B 68 0.18 -41.10 -7.34
C ILE B 68 0.31 -41.33 -8.85
N LEU B 69 1.19 -42.23 -9.29
CA LEU B 69 1.44 -42.41 -10.71
C LEU B 69 0.21 -43.02 -11.41
N TYR B 70 0.07 -42.73 -12.70
CA TYR B 70 -0.94 -43.35 -13.55
C TYR B 70 -2.38 -42.91 -13.26
N GLN B 71 -2.57 -41.66 -12.79
CA GLN B 71 -3.87 -41.03 -12.59
C GLN B 71 -3.84 -39.73 -13.35
N ASP B 72 -4.72 -38.77 -13.01
CA ASP B 72 -4.56 -37.42 -13.56
C ASP B 72 -4.51 -36.50 -12.37
N CYS B 73 -3.76 -35.38 -12.48
CA CYS B 73 -3.54 -34.60 -11.28
C CYS B 73 -4.84 -34.09 -10.69
N ARG B 74 -5.92 -33.97 -11.51
CA ARG B 74 -7.15 -33.42 -11.02
C ARG B 74 -7.30 -33.66 -9.55
N PHE B 75 -7.09 -34.93 -9.11
CA PHE B 75 -7.37 -35.24 -7.73
C PHE B 75 -6.69 -34.31 -6.77
N LEU B 76 -5.47 -33.85 -7.07
CA LEU B 76 -4.82 -32.99 -6.13
C LEU B 76 -5.66 -31.76 -5.84
N GLN B 77 -6.71 -31.51 -6.66
CA GLN B 77 -7.61 -30.41 -6.40
C GLN B 77 -8.52 -30.68 -5.21
N GLY B 78 -8.76 -31.95 -4.90
CA GLY B 78 -9.58 -32.28 -3.74
C GLY B 78 -11.05 -31.95 -3.97
N GLU B 79 -11.61 -31.16 -3.05
CA GLU B 79 -13.01 -30.76 -3.11
C GLU B 79 -13.20 -29.39 -3.73
N ASP B 80 -12.12 -28.70 -4.11
CA ASP B 80 -12.19 -27.32 -4.58
C ASP B 80 -12.28 -27.35 -6.11
N HIS B 81 -13.50 -27.63 -6.61
CA HIS B 81 -13.73 -27.92 -8.02
C HIS B 81 -14.04 -26.67 -8.85
N ASP B 82 -14.64 -25.65 -8.24
CA ASP B 82 -15.13 -24.48 -8.97
C ASP B 82 -14.11 -23.34 -8.89
N GLN B 83 -12.94 -23.57 -9.47
CA GLN B 83 -11.91 -22.55 -9.60
C GLN B 83 -11.65 -22.20 -11.05
N PRO B 84 -11.52 -20.91 -11.40
CA PRO B 84 -11.37 -20.53 -12.82
C PRO B 84 -10.15 -21.15 -13.48
N GLY B 85 -9.06 -21.34 -12.73
CA GLY B 85 -7.88 -21.96 -13.30
C GLY B 85 -8.17 -23.32 -13.91
N ARG B 86 -9.17 -24.03 -13.38
CA ARG B 86 -9.55 -25.32 -13.95
C ARG B 86 -9.98 -25.18 -15.40
N ALA B 87 -10.92 -24.25 -15.66
CA ALA B 87 -11.40 -24.04 -17.03
C ALA B 87 -10.29 -23.46 -17.91
N ILE B 88 -9.47 -22.57 -17.36
CA ILE B 88 -8.36 -22.01 -18.13
C ILE B 88 -7.43 -23.12 -18.60
N ILE B 89 -7.08 -24.03 -17.68
CA ILE B 89 -6.17 -25.13 -18.01
C ILE B 89 -6.82 -26.09 -18.99
N ARG B 90 -8.12 -26.38 -18.80
CA ARG B 90 -8.81 -27.25 -19.74
C ARG B 90 -8.78 -26.68 -21.15
N GLU B 91 -9.09 -25.39 -21.29
CA GLU B 91 -9.10 -24.77 -22.61
C GLU B 91 -7.71 -24.74 -23.22
N ALA B 92 -6.69 -24.40 -22.42
CA ALA B 92 -5.33 -24.34 -22.95
C ALA B 92 -4.82 -25.71 -23.40
N ILE B 93 -5.09 -26.76 -22.61
CA ILE B 93 -4.64 -28.09 -22.97
C ILE B 93 -5.39 -28.60 -24.20
N ARG B 94 -6.71 -28.38 -24.24
CA ARG B 94 -7.49 -28.81 -25.41
C ARG B 94 -6.99 -28.12 -26.67
N GLU B 95 -6.90 -26.78 -26.65
CA GLU B 95 -6.48 -26.05 -27.84
C GLU B 95 -5.01 -26.30 -28.18
N GLY B 96 -4.21 -26.75 -27.22
CA GLY B 96 -2.82 -27.06 -27.44
C GLY B 96 -1.84 -25.98 -27.05
N ARG B 97 -2.29 -24.88 -26.46
CA ARG B 97 -1.36 -23.83 -26.06
C ARG B 97 -0.79 -24.13 -24.67
N PRO B 98 0.50 -23.89 -24.45
CA PRO B 98 1.04 -23.99 -23.09
C PRO B 98 0.52 -22.84 -22.23
N CYS B 99 0.50 -23.06 -20.92
CA CYS B 99 -0.03 -22.00 -20.07
C CYS B 99 0.52 -22.15 -18.64
N CYS B 100 0.44 -21.06 -17.89
CA CYS B 100 0.83 -21.03 -16.50
C CYS B 100 -0.33 -20.48 -15.68
N GLN B 101 -0.69 -21.21 -14.62
CA GLN B 101 -1.82 -20.84 -13.76
C GLN B 101 -1.47 -21.16 -12.31
N VAL B 102 -2.38 -20.80 -11.41
CA VAL B 102 -2.25 -21.08 -9.99
C VAL B 102 -3.49 -21.83 -9.53
N LEU B 103 -3.30 -22.91 -8.80
CA LEU B 103 -4.41 -23.73 -8.31
C LEU B 103 -4.27 -23.96 -6.81
N ARG B 104 -5.38 -24.27 -6.16
CA ARG B 104 -5.36 -24.69 -4.75
C ARG B 104 -5.42 -26.21 -4.70
N ASN B 105 -4.42 -26.81 -4.07
CA ASN B 105 -4.37 -28.25 -3.91
C ASN B 105 -4.26 -28.61 -2.44
N TYR B 106 -4.45 -29.89 -2.16
CA TYR B 106 -4.38 -30.41 -0.80
C TYR B 106 -3.47 -31.63 -0.79
N ARG B 107 -2.63 -31.70 0.24
CA ARG B 107 -1.66 -32.78 0.36
C ARG B 107 -2.36 -34.05 0.88
N LYS B 108 -1.57 -35.04 1.27
CA LYS B 108 -2.16 -36.27 1.79
C LYS B 108 -2.83 -36.04 3.15
N ASP B 109 -2.26 -35.16 3.98
CA ASP B 109 -2.82 -34.89 5.29
C ASP B 109 -4.08 -34.03 5.26
N GLY B 110 -4.40 -33.45 4.10
CA GLY B 110 -5.54 -32.56 3.99
C GLY B 110 -5.20 -31.08 4.10
N SER B 111 -3.93 -30.74 4.27
CA SER B 111 -3.52 -29.35 4.33
C SER B 111 -3.55 -28.72 2.94
N LEU B 112 -3.96 -27.45 2.88
CA LEU B 112 -4.05 -26.73 1.62
C LEU B 112 -2.74 -26.04 1.28
N PHE B 113 -2.41 -26.01 -0.01
CA PHE B 113 -1.29 -25.24 -0.51
C PHE B 113 -1.66 -24.74 -1.91
N TRP B 114 -0.87 -23.78 -2.40
CA TRP B 114 -1.10 -23.16 -3.71
C TRP B 114 0.00 -23.61 -4.65
N ASN B 115 -0.39 -24.02 -5.86
CA ASN B 115 0.53 -24.58 -6.86
C ASN B 115 0.58 -23.66 -8.07
N GLU B 116 1.77 -23.13 -8.35
CA GLU B 116 2.03 -22.44 -9.62
C GLU B 116 2.45 -23.49 -10.62
N LEU B 117 1.63 -23.68 -11.65
CA LEU B 117 1.75 -24.79 -12.58
C LEU B 117 1.97 -24.23 -13.98
N SER B 118 3.07 -24.63 -14.61
CA SER B 118 3.41 -24.25 -15.97
C SER B 118 3.41 -25.53 -16.82
N ILE B 119 2.44 -25.63 -17.72
CA ILE B 119 2.26 -26.82 -18.56
C ILE B 119 2.66 -26.47 -19.99
N THR B 120 3.42 -27.37 -20.60
CA THR B 120 3.82 -27.24 -22.01
C THR B 120 3.52 -28.53 -22.73
N PRO B 121 2.60 -28.53 -23.72
CA PRO B 121 2.34 -29.74 -24.50
C PRO B 121 3.34 -29.92 -25.63
N VAL B 122 3.73 -31.18 -25.86
CA VAL B 122 4.69 -31.55 -26.89
C VAL B 122 4.17 -32.77 -27.63
N HIS B 123 4.26 -32.74 -28.95
CA HIS B 123 3.77 -33.84 -29.78
C HIS B 123 4.98 -34.68 -30.21
N ASN B 124 5.16 -35.84 -29.55
CA ASN B 124 6.23 -36.77 -29.90
C ASN B 124 5.91 -37.37 -31.26
N GLU B 125 6.75 -37.05 -32.26
CA GLU B 125 6.54 -37.53 -33.62
C GLU B 125 6.92 -38.99 -33.79
N ALA B 126 7.91 -39.47 -33.04
CA ALA B 126 8.30 -40.87 -33.14
C ALA B 126 7.14 -41.79 -32.79
N ASP B 127 6.34 -41.40 -31.80
CA ASP B 127 5.14 -42.16 -31.43
C ASP B 127 3.87 -41.52 -31.93
N GLN B 128 3.91 -40.27 -32.40
CA GLN B 128 2.71 -39.50 -32.74
C GLN B 128 1.77 -39.38 -31.54
N LEU B 129 2.34 -39.13 -30.36
CA LEU B 129 1.57 -39.06 -29.12
C LEU B 129 1.77 -37.71 -28.44
N THR B 130 0.70 -37.23 -27.79
CA THR B 130 0.75 -35.97 -27.07
C THR B 130 1.22 -36.21 -25.64
N TYR B 131 2.28 -35.51 -25.24
CA TYR B 131 2.77 -35.52 -23.89
C TYR B 131 2.71 -34.10 -23.33
N TYR B 132 2.84 -33.99 -22.01
CA TYR B 132 2.85 -32.70 -21.35
C TYR B 132 3.97 -32.69 -20.32
N ILE B 133 4.67 -31.57 -20.23
CA ILE B 133 5.67 -31.36 -19.19
C ILE B 133 5.15 -30.26 -18.27
N GLY B 134 5.17 -30.54 -16.97
CA GLY B 134 4.63 -29.61 -16.00
C GLY B 134 5.63 -29.22 -14.93
N ILE B 135 5.84 -27.90 -14.80
CA ILE B 135 6.70 -27.34 -13.76
C ILE B 135 5.79 -26.86 -12.65
N GLN B 136 6.05 -27.33 -11.43
CA GLN B 136 5.20 -27.02 -10.29
C GLN B 136 6.05 -26.38 -9.21
N ARG B 137 5.54 -25.28 -8.65
CA ARG B 137 6.19 -24.58 -7.56
C ARG B 137 5.17 -24.30 -6.48
N ASP B 138 5.60 -24.39 -5.23
CA ASP B 138 4.71 -24.08 -4.10
C ASP B 138 4.77 -22.58 -3.88
N VAL B 139 3.71 -21.89 -4.28
CA VAL B 139 3.70 -20.43 -4.29
C VAL B 139 2.76 -19.90 -3.20
N THR B 140 2.54 -20.71 -2.16
CA THR B 140 1.65 -20.29 -1.07
C THR B 140 2.20 -19.07 -0.35
N GLU B 141 3.51 -19.01 -0.15
CA GLU B 141 4.12 -17.88 0.54
C GLU B 141 3.87 -16.58 -0.21
N HIS B 142 4.00 -16.61 -1.54
CA HIS B 142 3.79 -15.39 -2.31
C HIS B 142 2.35 -14.89 -2.21
N GLN B 143 1.37 -15.80 -2.33
CA GLN B 143 -0.03 -15.39 -2.21
C GLN B 143 -0.33 -14.84 -0.83
N GLN B 144 0.14 -15.53 0.21
CA GLN B 144 -0.09 -15.07 1.57
C GLN B 144 0.54 -13.70 1.80
N THR B 145 1.76 -13.51 1.30
CA THR B 145 2.43 -12.23 1.48
C THR B 145 1.70 -11.12 0.76
N GLN B 146 1.19 -11.39 -0.45
CA GLN B 146 0.44 -10.38 -1.18
C GLN B 146 -0.85 -10.00 -0.45
N ALA B 147 -1.56 -11.00 0.09
CA ALA B 147 -2.78 -10.69 0.84
C ALA B 147 -2.49 -9.84 2.07
N ARG B 148 -1.43 -10.20 2.82
CA ARG B 148 -1.03 -9.39 3.97
C ARG B 148 -0.67 -7.98 3.54
N LEU B 149 0.01 -7.84 2.40
CA LEU B 149 0.39 -6.51 1.92
C LEU B 149 -0.84 -5.69 1.57
N GLN B 150 -1.86 -6.31 0.97
CA GLN B 150 -3.06 -5.56 0.63
C GLN B 150 -3.83 -5.13 1.88
N GLU B 151 -3.89 -5.99 2.89
CA GLU B 151 -4.49 -5.59 4.16
C GLU B 151 -3.73 -4.42 4.80
N LEU B 152 -2.41 -4.53 4.81
CA LEU B 152 -1.56 -3.48 5.36
C LEU B 152 -1.77 -2.17 4.61
N GLN B 153 -1.88 -2.24 3.29
CA GLN B 153 -2.12 -1.05 2.46
C GLN B 153 -3.44 -0.38 2.84
N SER B 154 -4.51 -1.18 2.97
CA SER B 154 -5.81 -0.62 3.33
C SER B 154 -5.74 0.11 4.67
N GLU B 155 -5.16 -0.55 5.69
CA GLU B 155 -5.12 0.10 6.99
C GLU B 155 -4.16 1.29 7.00
N LEU B 156 -3.10 1.24 6.18
CA LEU B 156 -2.19 2.38 6.06
C LEU B 156 -2.90 3.60 5.50
N VAL B 157 -3.70 3.41 4.45
CA VAL B 157 -4.47 4.52 3.88
C VAL B 157 -5.41 5.09 4.93
N HIS B 158 -6.15 4.21 5.62
CA HIS B 158 -7.13 4.67 6.61
C HIS B 158 -6.47 5.50 7.71
N VAL B 159 -5.39 4.97 8.29
CA VAL B 159 -4.76 5.66 9.41
C VAL B 159 -3.96 6.87 8.96
N SER B 160 -3.51 6.90 7.69
CA SER B 160 -2.89 8.13 7.19
C SER B 160 -3.91 9.26 7.10
N ARG B 161 -5.11 8.96 6.57
CA ARG B 161 -6.18 9.97 6.58
C ARG B 161 -6.47 10.43 8.01
N LEU B 162 -6.58 9.46 8.92
CA LEU B 162 -6.88 9.77 10.32
C LEU B 162 -5.81 10.66 10.94
N SER B 163 -4.54 10.28 10.78
CA SER B 163 -3.45 11.05 11.38
C SER B 163 -3.33 12.43 10.75
N ALA B 164 -3.59 12.54 9.44
CA ALA B 164 -3.57 13.85 8.79
C ALA B 164 -4.58 14.80 9.41
N MET B 165 -5.84 14.34 9.52
CA MET B 165 -6.85 15.20 10.14
C MET B 165 -6.50 15.52 11.59
N GLY B 166 -5.98 14.53 12.33
CA GLY B 166 -5.62 14.75 13.71
C GLY B 166 -4.53 15.80 13.85
N GLU B 167 -3.50 15.73 12.99
CA GLU B 167 -2.41 16.70 13.05
C GLU B 167 -2.90 18.09 12.67
N MET B 168 -3.79 18.20 11.68
CA MET B 168 -4.32 19.52 11.35
C MET B 168 -5.05 20.12 12.55
N ALA B 169 -5.87 19.31 13.22
CA ALA B 169 -6.60 19.82 14.40
C ALA B 169 -5.64 20.22 15.52
N SER B 170 -4.63 19.39 15.78
CA SER B 170 -3.69 19.71 16.85
C SER B 170 -2.88 20.96 16.52
N ALA B 171 -2.49 21.14 15.25
CA ALA B 171 -1.73 22.31 14.85
C ALA B 171 -2.57 23.59 14.99
N LEU B 172 -3.83 23.54 14.55
CA LEU B 172 -4.68 24.70 14.74
C LEU B 172 -4.88 25.00 16.22
N ALA B 173 -5.05 23.95 17.03
CA ALA B 173 -5.21 24.13 18.48
C ALA B 173 -3.97 24.77 19.08
N HIS B 174 -2.79 24.32 18.67
CA HIS B 174 -1.55 24.93 19.18
C HIS B 174 -1.48 26.40 18.78
N GLU B 175 -1.64 26.70 17.50
CA GLU B 175 -1.50 28.07 17.01
C GLU B 175 -2.60 29.00 17.53
N LEU B 176 -3.72 28.46 17.99
CA LEU B 176 -4.81 29.29 18.52
C LEU B 176 -4.90 29.31 20.04
N ASN B 177 -4.17 28.43 20.75
CA ASN B 177 -4.25 28.45 22.20
C ASN B 177 -3.74 29.77 22.79
N GLN B 178 -2.77 30.42 22.11
CA GLN B 178 -2.31 31.72 22.59
C GLN B 178 -3.38 32.80 22.45
N PRO B 179 -3.89 33.10 21.25
CA PRO B 179 -4.83 34.23 21.14
C PRO B 179 -6.16 34.01 21.83
N LEU B 180 -6.67 32.77 21.89
CA LEU B 180 -7.94 32.53 22.57
C LEU B 180 -7.83 32.80 24.07
N ALA B 181 -6.81 32.22 24.71
CA ALA B 181 -6.60 32.48 26.13
C ALA B 181 -6.29 33.96 26.37
N ALA B 182 -5.54 34.59 25.46
CA ALA B 182 -5.25 36.02 25.59
C ALA B 182 -6.53 36.83 25.58
N ILE B 183 -7.44 36.52 24.65
CA ILE B 183 -8.70 37.26 24.58
C ILE B 183 -9.51 37.03 25.85
N SER B 184 -9.59 35.78 26.31
CA SER B 184 -10.37 35.50 27.52
C SER B 184 -9.79 36.22 28.74
N ASN B 185 -8.46 36.31 28.83
CA ASN B 185 -7.85 37.03 29.95
C ASN B 185 -8.09 38.53 29.84
N TYR B 186 -8.04 39.09 28.63
CA TYR B 186 -8.37 40.50 28.45
C TYR B 186 -9.82 40.76 28.85
N MET B 187 -10.71 39.82 28.55
CA MET B 187 -12.11 39.94 28.97
C MET B 187 -12.26 39.92 30.48
N LYS B 188 -11.60 38.96 31.14
CA LYS B 188 -11.64 38.91 32.60
C LYS B 188 -11.10 40.19 33.22
N GLY B 189 -10.01 40.71 32.65
CA GLY B 189 -9.44 41.95 33.15
C GLY B 189 -10.38 43.14 32.97
N SER B 190 -11.00 43.24 31.80
CA SER B 190 -11.95 44.32 31.57
C SER B 190 -13.14 44.21 32.53
N ARG B 191 -13.59 42.99 32.81
CA ARG B 191 -14.70 42.80 33.75
C ARG B 191 -14.31 43.23 35.15
N ARG B 192 -13.11 42.86 35.60
CA ARG B 192 -12.66 43.31 36.92
C ARG B 192 -12.51 44.82 36.97
N LEU B 193 -11.99 45.41 35.89
CA LEU B 193 -11.75 46.85 35.87
C LEU B 193 -13.04 47.64 35.88
N LEU B 194 -14.03 47.22 35.08
CA LEU B 194 -15.29 47.95 35.02
C LEU B 194 -16.21 47.69 36.21
N ALA B 195 -16.06 46.54 36.88
CA ALA B 195 -16.89 46.23 38.03
C ALA B 195 -16.66 47.22 39.16
N GLY B 196 -17.67 48.04 39.46
CA GLY B 196 -17.57 49.01 40.52
C GLY B 196 -17.93 50.41 40.07
N SER B 197 -17.82 50.64 38.76
CA SER B 197 -18.14 51.93 38.18
C SER B 197 -19.63 52.19 38.23
N SER B 198 -20.01 53.45 38.03
CA SER B 198 -21.42 53.88 38.05
C SER B 198 -21.72 54.53 36.71
N ASP B 199 -22.35 53.77 35.81
CA ASP B 199 -22.56 54.19 34.43
C ASP B 199 -23.83 53.56 33.91
N PRO B 200 -24.50 54.17 32.93
CA PRO B 200 -25.73 53.55 32.40
C PRO B 200 -25.48 52.26 31.64
N ASN B 201 -24.39 52.19 30.88
CA ASN B 201 -24.08 51.03 30.06
C ASN B 201 -23.33 49.93 30.80
N THR B 202 -22.87 50.19 32.03
CA THR B 202 -22.03 49.20 32.72
C THR B 202 -22.69 47.85 32.92
N PRO B 203 -23.95 47.75 33.43
CA PRO B 203 -24.54 46.41 33.58
C PRO B 203 -24.58 45.66 32.26
N LYS B 204 -25.22 46.25 31.26
CA LYS B 204 -25.31 45.65 29.93
C LYS B 204 -23.95 45.17 29.47
N VAL B 205 -23.00 46.10 29.38
CA VAL B 205 -21.64 45.74 28.95
C VAL B 205 -21.15 44.50 29.68
N GLU B 206 -21.31 44.48 31.01
CA GLU B 206 -20.88 43.33 31.80
C GLU B 206 -21.40 42.05 31.19
N SER B 207 -22.73 41.92 31.09
CA SER B 207 -23.32 40.72 30.51
C SER B 207 -22.71 40.44 29.15
N ALA B 208 -22.62 41.48 28.31
CA ALA B 208 -22.05 41.32 26.98
C ALA B 208 -20.68 40.67 27.05
N LEU B 209 -19.80 41.22 27.89
CA LEU B 209 -18.46 40.66 28.03
C LEU B 209 -18.54 39.18 28.38
N ASP B 210 -19.36 38.84 29.37
CA ASP B 210 -19.54 37.44 29.74
C ASP B 210 -19.91 36.62 28.52
N ARG B 211 -20.93 37.08 27.79
CA ARG B 211 -21.34 36.38 26.58
C ARG B 211 -20.16 36.19 25.66
N ALA B 212 -19.41 37.28 25.39
CA ALA B 212 -18.22 37.17 24.56
C ALA B 212 -17.27 36.12 25.10
N ALA B 213 -16.94 36.22 26.40
CA ALA B 213 -16.08 35.22 27.01
C ALA B 213 -16.67 33.83 26.83
N GLU B 214 -17.97 33.69 27.08
CA GLU B 214 -18.68 32.44 26.84
C GLU B 214 -18.37 31.93 25.44
N GLN B 215 -18.61 32.78 24.42
CA GLN B 215 -18.35 32.37 23.05
C GLN B 215 -16.93 31.88 22.90
N ALA B 216 -15.97 32.64 23.45
CA ALA B 216 -14.56 32.25 23.35
C ALA B 216 -14.38 30.82 23.85
N LEU B 217 -14.89 30.56 25.06
CA LEU B 217 -14.76 29.21 25.62
C LEU B 217 -15.32 28.18 24.67
N ARG B 218 -16.55 28.42 24.20
CA ARG B 218 -17.19 27.50 23.27
C ARG B 218 -16.28 27.22 22.09
N ALA B 219 -15.71 28.28 21.50
CA ALA B 219 -14.85 28.13 20.34
C ALA B 219 -13.73 27.13 20.63
N GLY B 220 -13.03 27.33 21.75
CA GLY B 220 -11.97 26.41 22.10
C GLY B 220 -12.47 24.98 22.19
N GLN B 221 -13.56 24.78 22.93
CA GLN B 221 -14.14 23.45 23.08
C GLN B 221 -14.38 22.83 21.70
N ILE B 222 -14.88 23.64 20.75
CA ILE B 222 -15.19 23.13 19.42
C ILE B 222 -13.98 22.44 18.83
N ILE B 223 -12.82 23.10 18.87
CA ILE B 223 -11.60 22.49 18.32
C ILE B 223 -11.36 21.12 18.93
N ARG B 224 -11.32 21.07 20.28
CA ARG B 224 -11.08 19.80 20.95
C ARG B 224 -12.08 18.75 20.50
N ARG B 225 -13.35 19.13 20.42
CA ARG B 225 -14.38 18.21 19.93
C ARG B 225 -13.93 17.55 18.64
N LEU B 226 -13.69 18.37 17.60
CA LEU B 226 -13.29 17.82 16.31
C LEU B 226 -12.00 17.02 16.44
N ARG B 227 -11.06 17.54 17.22
CA ARG B 227 -9.82 16.79 17.48
C ARG B 227 -10.15 15.44 18.09
N ASP B 228 -10.94 15.43 19.16
CA ASP B 228 -11.27 14.18 19.82
C ASP B 228 -12.19 13.33 18.97
N PHE B 229 -12.76 13.88 17.89
CA PHE B 229 -13.53 13.03 16.99
C PHE B 229 -12.62 12.18 16.11
N VAL B 230 -11.41 12.67 15.81
CA VAL B 230 -10.48 11.90 15.01
C VAL B 230 -9.50 11.13 15.88
N ALA B 231 -9.38 11.49 17.15
CA ALA B 231 -8.48 10.81 18.08
C ALA B 231 -9.11 9.60 18.73
N ARG B 232 -10.28 9.16 18.24
CA ARG B 232 -10.95 8.00 18.81
C ARG B 232 -10.40 6.68 18.27
N GLY B 233 -9.19 6.69 17.71
CA GLY B 233 -8.48 5.45 17.43
C GLY B 233 -7.88 4.90 18.71
N GLU B 234 -8.03 3.60 18.90
CA GLU B 234 -7.72 2.99 20.20
C GLU B 234 -6.24 3.15 20.55
N SER B 235 -5.99 3.46 21.81
CA SER B 235 -4.64 3.76 22.30
C SER B 235 -4.07 2.57 23.09
N GLU B 236 -3.95 1.45 22.39
CA GLU B 236 -3.52 0.20 22.99
C GLU B 236 -2.00 0.13 23.08
N LYS B 237 -1.53 -0.93 23.73
CA LYS B 237 -0.12 -1.27 23.88
C LYS B 237 0.06 -2.70 23.38
N ARG B 238 1.30 -3.09 23.15
CA ARG B 238 1.56 -4.25 22.30
C ARG B 238 2.54 -5.26 22.88
N VAL B 239 2.53 -6.42 22.21
CA VAL B 239 3.46 -7.52 22.45
C VAL B 239 4.22 -7.89 21.20
N GLU B 240 3.84 -7.33 20.05
CA GLU B 240 4.35 -7.65 18.72
C GLU B 240 5.87 -7.69 18.61
N SER B 241 6.35 -8.61 17.80
CA SER B 241 7.77 -8.81 17.49
C SER B 241 8.21 -7.80 16.42
N LEU B 242 9.33 -7.11 16.71
CA LEU B 242 9.87 -6.08 15.83
C LEU B 242 10.37 -6.63 14.50
N SER B 243 11.00 -7.80 14.48
CA SER B 243 11.41 -8.38 13.19
C SER B 243 10.25 -8.47 12.19
N LYS B 244 9.12 -9.02 12.62
CA LYS B 244 7.95 -9.13 11.73
C LYS B 244 7.46 -7.77 11.25
N LEU B 245 7.26 -6.82 12.16
CA LEU B 245 6.72 -5.53 11.73
C LEU B 245 7.73 -4.74 10.92
N ILE B 246 9.02 -4.97 11.12
CA ILE B 246 10.03 -4.34 10.29
C ILE B 246 9.93 -4.89 8.88
N GLU B 247 9.65 -6.18 8.75
CA GLU B 247 9.51 -6.75 7.41
C GLU B 247 8.23 -6.23 6.75
N GLU B 248 7.15 -6.14 7.51
CA GLU B 248 5.90 -5.58 7.00
C GLU B 248 6.09 -4.11 6.56
N ALA B 249 6.79 -3.32 7.37
CA ALA B 249 7.01 -1.93 7.01
C ALA B 249 7.90 -1.83 5.78
N GLY B 250 8.86 -2.75 5.64
CA GLY B 250 9.68 -2.72 4.45
C GLY B 250 8.84 -3.05 3.24
N ALA B 251 7.95 -4.03 3.39
CA ALA B 251 7.03 -4.44 2.33
C ALA B 251 6.21 -3.25 1.83
N LEU B 252 5.81 -2.36 2.74
CA LEU B 252 5.06 -1.19 2.24
C LEU B 252 6.01 -0.10 1.72
N GLY B 253 6.98 0.31 2.52
CA GLY B 253 7.76 1.49 2.20
C GLY B 253 8.92 1.25 1.24
N LEU B 254 9.41 0.01 1.16
CA LEU B 254 10.63 -0.32 0.42
C LEU B 254 10.34 -1.08 -0.88
N ALA B 255 9.23 -0.75 -1.54
CA ALA B 255 8.93 -1.38 -2.84
C ALA B 255 10.01 -1.09 -3.88
N GLY B 256 10.39 0.18 -4.02
CA GLY B 256 11.33 0.65 -5.03
C GLY B 256 12.77 0.26 -4.82
N ALA B 257 13.09 -0.43 -3.71
CA ALA B 257 14.48 -0.73 -3.39
C ALA B 257 15.17 -1.53 -4.49
N ARG B 258 14.50 -2.56 -5.00
CA ARG B 258 15.09 -3.35 -6.07
C ARG B 258 15.32 -2.52 -7.33
N GLU B 259 14.31 -1.71 -7.71
CA GLU B 259 14.40 -0.94 -8.94
C GLU B 259 15.36 0.23 -8.81
N GLN B 260 15.46 0.85 -7.63
CA GLN B 260 16.33 1.99 -7.42
C GLN B 260 17.69 1.61 -6.84
N ASN B 261 18.02 0.31 -6.79
CA ASN B 261 19.32 -0.16 -6.31
C ASN B 261 19.63 0.36 -4.91
N VAL B 262 18.68 0.19 -4.00
CA VAL B 262 18.87 0.55 -2.59
C VAL B 262 19.42 -0.64 -1.83
N GLN B 263 20.53 -0.43 -1.11
CA GLN B 263 21.15 -1.48 -0.31
C GLN B 263 20.50 -1.54 1.07
N LEU B 264 19.84 -2.65 1.37
CA LEU B 264 19.16 -2.86 2.65
C LEU B 264 20.04 -3.65 3.61
N ARG B 265 20.08 -3.20 4.87
CA ARG B 265 20.81 -3.94 5.90
C ARG B 265 19.94 -3.96 7.14
N PHE B 266 19.49 -5.16 7.54
CA PHE B 266 18.73 -5.39 8.78
C PHE B 266 19.58 -6.06 9.86
N SER B 267 20.04 -5.27 10.82
CA SER B 267 20.79 -5.78 11.96
C SER B 267 19.79 -5.94 13.12
N LEU B 268 19.24 -7.14 13.23
CA LEU B 268 18.17 -7.44 14.17
C LEU B 268 18.70 -8.26 15.34
N ASP B 269 18.08 -8.09 16.50
CA ASP B 269 18.44 -8.80 17.71
C ASP B 269 17.28 -9.68 18.17
N PRO B 270 17.44 -11.01 18.21
CA PRO B 270 16.33 -11.86 18.68
C PRO B 270 15.99 -11.59 20.14
N GLY B 271 16.93 -11.01 20.88
CA GLY B 271 16.81 -10.61 22.26
C GLY B 271 16.08 -9.30 22.48
N ALA B 272 15.86 -8.54 21.40
CA ALA B 272 15.23 -7.22 21.47
C ALA B 272 14.01 -7.14 20.54
N ASP B 273 13.03 -8.02 20.78
CA ASP B 273 11.86 -8.11 19.93
C ASP B 273 10.60 -7.49 20.52
N LEU B 274 10.46 -7.43 21.85
CA LEU B 274 9.22 -6.97 22.45
C LEU B 274 9.33 -5.49 22.78
N VAL B 275 8.40 -4.69 22.25
CA VAL B 275 8.33 -3.26 22.52
C VAL B 275 6.93 -2.90 23.03
N LEU B 276 6.83 -1.71 23.65
CA LEU B 276 5.55 -1.13 24.01
C LEU B 276 5.09 -0.21 22.88
N ALA B 277 4.06 -0.63 22.13
CA ALA B 277 3.66 0.16 20.98
C ALA B 277 2.21 -0.12 20.60
N ASP B 278 1.65 0.81 19.80
CA ASP B 278 0.44 0.58 19.01
C ASP B 278 0.88 0.20 17.59
N ARG B 279 0.53 -1.01 17.15
CA ARG B 279 1.17 -1.57 15.95
C ARG B 279 0.90 -0.74 14.70
N VAL B 280 -0.32 -0.21 14.54
CA VAL B 280 -0.61 0.59 13.36
C VAL B 280 0.19 1.90 13.37
N GLN B 281 0.40 2.47 14.55
CA GLN B 281 1.14 3.72 14.63
C GLN B 281 2.63 3.52 14.33
N ILE B 282 3.21 2.42 14.80
CA ILE B 282 4.59 2.11 14.46
C ILE B 282 4.73 1.74 12.98
N GLN B 283 3.75 1.00 12.46
CA GLN B 283 3.71 0.81 11.00
C GLN B 283 3.79 2.14 10.27
N GLN B 284 2.99 3.14 10.69
CA GLN B 284 2.98 4.37 9.92
C GLN B 284 4.25 5.20 10.14
N VAL B 285 4.85 5.13 11.33
CA VAL B 285 6.14 5.78 11.57
C VAL B 285 7.23 5.18 10.67
N LEU B 286 7.27 3.85 10.58
CA LEU B 286 8.33 3.23 9.80
C LEU B 286 8.10 3.48 8.30
N VAL B 287 6.85 3.33 7.84
CA VAL B 287 6.50 3.66 6.47
C VAL B 287 6.95 5.07 6.12
N ASN B 288 6.67 6.04 7.00
CA ASN B 288 7.11 7.42 6.76
C ASN B 288 8.61 7.56 6.70
N LEU B 289 9.35 6.88 7.59
CA LEU B 289 10.81 6.95 7.50
C LEU B 289 11.33 6.34 6.20
N PHE B 290 10.76 5.21 5.80
CA PHE B 290 11.21 4.55 4.57
C PHE B 290 10.92 5.41 3.34
N ARG B 291 9.68 5.90 3.23
CA ARG B 291 9.34 6.78 2.11
C ARG B 291 10.26 7.99 2.06
N ASN B 292 10.55 8.58 3.23
CA ASN B 292 11.41 9.75 3.26
C ASN B 292 12.83 9.42 2.83
N ALA B 293 13.36 8.26 3.25
CA ALA B 293 14.72 7.91 2.87
C ALA B 293 14.84 7.61 1.37
N LEU B 294 13.87 6.89 0.81
CA LEU B 294 13.91 6.64 -0.64
C LEU B 294 13.76 7.94 -1.41
N GLU B 295 12.91 8.85 -0.91
CA GLU B 295 12.74 10.11 -1.62
C GLU B 295 14.03 10.93 -1.58
N ALA B 296 14.71 10.94 -0.42
CA ALA B 296 15.97 11.68 -0.31
C ALA B 296 17.08 11.06 -1.14
N MET B 297 17.11 9.73 -1.27
CA MET B 297 18.21 9.03 -1.96
C MET B 297 17.94 8.81 -3.45
N ALA B 298 17.06 9.60 -4.06
CA ALA B 298 16.74 9.38 -5.48
C ALA B 298 17.94 9.64 -6.37
N GLN B 299 18.71 10.70 -6.10
CA GLN B 299 19.92 11.02 -6.85
C GLN B 299 21.10 10.95 -5.89
N SER B 300 21.64 9.77 -5.73
CA SER B 300 22.78 9.55 -4.85
C SER B 300 23.63 8.45 -5.44
N GLN B 301 24.94 8.69 -5.55
CA GLN B 301 25.82 7.67 -6.13
C GLN B 301 25.96 6.49 -5.19
N ARG B 302 26.14 6.75 -3.90
CA ARG B 302 26.15 5.70 -2.88
C ARG B 302 24.79 5.71 -2.19
N ARG B 303 24.12 4.55 -2.17
CA ARG B 303 22.77 4.41 -1.62
C ARG B 303 22.73 3.24 -0.64
N GLU B 304 22.78 3.52 0.66
CA GLU B 304 22.78 2.45 1.65
C GLU B 304 21.89 2.82 2.82
N LEU B 305 20.97 1.93 3.18
CA LEU B 305 20.03 2.12 4.28
C LEU B 305 20.21 0.98 5.28
N VAL B 306 20.46 1.32 6.53
CA VAL B 306 20.67 0.32 7.56
C VAL B 306 19.64 0.54 8.66
N VAL B 307 18.96 -0.53 9.05
CA VAL B 307 18.05 -0.53 10.18
C VAL B 307 18.58 -1.53 11.19
N THR B 308 18.65 -1.12 12.46
CA THR B 308 19.25 -1.95 13.50
C THR B 308 18.51 -1.74 14.80
N ASN B 309 18.27 -2.82 15.56
CA ASN B 309 17.72 -2.62 16.90
C ASN B 309 18.66 -3.18 17.95
N THR B 310 18.75 -2.48 19.09
CA THR B 310 19.62 -2.94 20.16
C THR B 310 19.04 -2.67 21.53
N PRO B 311 19.43 -3.48 22.56
CA PRO B 311 19.14 -3.17 23.96
C PRO B 311 19.93 -1.93 24.38
N ALA B 312 19.39 -0.73 24.28
CA ALA B 312 20.18 0.41 24.75
C ALA B 312 20.08 0.67 26.25
N ALA B 313 18.89 1.04 26.75
CA ALA B 313 18.78 1.52 28.13
C ALA B 313 17.31 1.72 28.47
N ASP B 314 17.08 2.02 29.75
CA ASP B 314 15.76 2.35 30.29
C ASP B 314 14.77 1.22 30.03
N ASP B 315 15.29 -0.01 30.05
CA ASP B 315 14.49 -1.22 29.85
C ASP B 315 13.68 -1.12 28.57
N MET B 316 14.19 -0.32 27.62
CA MET B 316 13.58 -0.08 26.32
C MET B 316 14.60 -0.40 25.23
N ILE B 317 14.12 -0.58 24.01
CA ILE B 317 14.94 -1.05 22.90
C ILE B 317 14.98 0.05 21.85
N GLU B 318 16.17 0.38 21.34
CA GLU B 318 16.29 1.47 20.38
C GLU B 318 16.49 0.94 18.97
N VAL B 319 15.73 1.49 18.04
CA VAL B 319 15.84 1.17 16.62
C VAL B 319 16.42 2.39 15.90
N GLU B 320 17.44 2.15 15.08
CA GLU B 320 18.14 3.18 14.32
C GLU B 320 17.97 2.90 12.83
N VAL B 321 17.65 3.94 12.06
CA VAL B 321 17.57 3.87 10.60
C VAL B 321 18.45 4.96 9.99
N SER B 322 19.52 4.55 9.30
CA SER B 322 20.47 5.50 8.74
C SER B 322 20.51 5.36 7.23
N ASP B 323 20.64 6.50 6.54
CA ASP B 323 20.74 6.58 5.08
C ASP B 323 21.92 7.47 4.70
N THR B 324 22.27 7.40 3.41
CA THR B 324 23.33 8.21 2.83
C THR B 324 22.78 9.13 1.75
N GLY B 325 21.61 9.71 1.99
CA GLY B 325 20.94 10.50 0.98
C GLY B 325 21.52 11.90 0.85
N SER B 326 20.77 12.75 0.14
CA SER B 326 21.22 14.12 -0.08
C SER B 326 21.32 14.90 1.22
N GLY B 327 20.59 14.48 2.26
CA GLY B 327 20.69 15.07 3.57
C GLY B 327 20.12 16.47 3.68
N PHE B 328 20.45 17.12 4.79
CA PHE B 328 19.93 18.42 5.15
C PHE B 328 21.09 19.37 5.39
N GLN B 329 21.02 20.56 4.79
CA GLN B 329 21.94 21.63 5.14
C GLN B 329 21.74 22.10 6.58
N ASP B 330 22.77 22.76 7.11
CA ASP B 330 22.82 23.08 8.54
C ASP B 330 21.65 23.96 8.98
N ASP B 331 21.13 24.83 8.10
CA ASP B 331 20.05 25.72 8.50
C ASP B 331 18.71 25.01 8.62
N VAL B 332 18.58 23.81 8.07
CA VAL B 332 17.31 23.10 8.03
C VAL B 332 17.12 22.23 9.28
N ILE B 333 18.19 21.60 9.76
CA ILE B 333 18.11 20.50 10.73
C ILE B 333 17.10 20.82 11.90
N PRO B 334 17.23 22.01 12.55
CA PRO B 334 16.30 22.22 13.70
C PRO B 334 14.87 22.50 13.26
N ASN B 335 14.58 22.57 11.95
CA ASN B 335 13.21 22.73 11.45
C ASN B 335 12.55 21.42 11.01
N LEU B 336 13.21 20.27 11.22
CA LEU B 336 12.70 19.01 10.69
C LEU B 336 11.34 18.65 11.31
N PHE B 337 11.23 18.77 12.63
CA PHE B 337 10.08 18.24 13.34
C PHE B 337 8.94 19.24 13.38
N GLN B 338 9.10 20.39 12.73
CA GLN B 338 8.03 21.38 12.65
C GLN B 338 6.92 20.91 11.72
N THR B 339 5.69 21.03 12.20
CA THR B 339 4.53 20.67 11.41
C THR B 339 4.44 21.59 10.19
N PHE B 340 4.19 20.99 9.03
CA PHE B 340 3.92 21.62 7.73
C PHE B 340 5.15 22.17 7.03
N PHE B 341 6.34 22.05 7.61
CA PHE B 341 7.56 22.47 6.92
C PHE B 341 7.97 21.38 5.93
N THR B 342 8.13 21.77 4.66
CA THR B 342 8.44 20.82 3.60
C THR B 342 9.49 21.42 2.67
N THR B 343 10.26 20.53 2.04
CA THR B 343 11.23 20.90 1.00
C THR B 343 10.78 20.48 -0.39
N LYS B 344 10.19 19.31 -0.53
CA LYS B 344 9.83 18.80 -1.83
C LYS B 344 8.42 19.24 -2.23
N ASP B 345 8.24 19.46 -3.54
CA ASP B 345 6.94 19.88 -4.06
C ASP B 345 5.84 18.87 -3.76
N THR B 346 6.18 17.59 -3.64
CA THR B 346 5.18 16.55 -3.39
C THR B 346 5.13 16.14 -1.93
N GLY B 347 5.80 16.88 -1.04
CA GLY B 347 5.76 16.59 0.36
C GLY B 347 4.57 17.27 1.03
N MET B 348 4.44 17.04 2.34
CA MET B 348 3.44 17.73 3.14
C MET B 348 3.97 18.22 4.48
N GLY B 349 5.13 17.76 4.94
CA GLY B 349 5.67 18.21 6.21
C GLY B 349 4.87 17.78 7.41
N VAL B 350 4.04 16.75 7.26
CA VAL B 350 3.28 16.20 8.38
C VAL B 350 3.84 14.85 8.83
N GLY B 351 4.59 14.14 7.97
CA GLY B 351 5.11 12.84 8.33
C GLY B 351 5.92 12.87 9.61
N LEU B 352 6.92 13.75 9.66
CA LEU B 352 7.79 13.82 10.83
C LEU B 352 7.06 14.35 12.06
N SER B 353 6.11 15.27 11.87
CA SER B 353 5.36 15.79 13.00
C SER B 353 4.51 14.70 13.64
N ILE B 354 3.80 13.92 12.81
CA ILE B 354 3.03 12.78 13.30
C ILE B 354 3.94 11.76 13.97
N SER B 355 5.09 11.45 13.36
CA SER B 355 6.02 10.49 13.96
C SER B 355 6.44 10.96 15.35
N ARG B 356 6.81 12.25 15.48
CA ARG B 356 7.18 12.76 16.78
C ARG B 356 6.09 12.68 17.80
N SER B 357 4.88 13.01 17.39
CA SER B 357 3.78 12.98 18.34
C SER B 357 3.47 11.56 18.76
N ILE B 358 3.63 10.61 17.85
CA ILE B 358 3.42 9.21 18.19
C ILE B 358 4.47 8.73 19.18
N ILE B 359 5.75 9.02 18.91
CA ILE B 359 6.80 8.61 19.83
C ILE B 359 6.63 9.23 21.20
N GLU B 360 6.32 10.53 21.26
CA GLU B 360 6.14 11.15 22.56
C GLU B 360 4.90 10.66 23.28
N ALA B 361 3.82 10.35 22.54
CA ALA B 361 2.63 9.77 23.16
C ALA B 361 2.89 8.38 23.69
N HIS B 362 3.80 7.63 23.05
CA HIS B 362 4.16 6.30 23.51
C HIS B 362 5.24 6.28 24.57
N GLY B 363 5.73 7.43 25.01
CA GLY B 363 6.72 7.46 26.05
C GLY B 363 8.15 7.34 25.57
N GLY B 364 8.38 7.43 24.26
CA GLY B 364 9.68 7.18 23.69
C GLY B 364 10.47 8.44 23.40
N ARG B 365 11.61 8.24 22.75
CA ARG B 365 12.55 9.30 22.43
C ARG B 365 12.88 9.21 20.96
N MET B 366 12.66 10.33 20.24
CA MET B 366 12.89 10.40 18.81
C MET B 366 13.95 11.46 18.52
N TRP B 367 14.89 11.16 17.64
CA TRP B 367 15.83 12.21 17.25
C TRP B 367 16.50 11.89 15.92
N ALA B 368 17.26 12.87 15.44
CA ALA B 368 17.87 12.86 14.11
C ALA B 368 19.29 13.40 14.23
N GLU B 369 20.11 13.07 13.24
CA GLU B 369 21.48 13.60 13.16
C GLU B 369 21.96 13.51 11.72
N SER B 370 22.91 14.38 11.39
CA SER B 370 23.58 14.28 10.11
C SER B 370 24.53 13.09 10.15
N ASN B 371 24.65 12.39 9.02
CA ASN B 371 25.57 11.26 8.95
C ASN B 371 26.86 11.71 8.27
N ALA B 372 27.92 10.91 8.46
CA ALA B 372 29.20 11.26 7.85
C ALA B 372 29.15 11.10 6.33
N SER B 373 28.19 10.33 5.82
CA SER B 373 28.05 10.11 4.40
C SER B 373 27.25 11.21 3.74
N GLY B 374 26.87 12.24 4.49
CA GLY B 374 26.04 13.31 3.98
C GLY B 374 24.56 13.01 3.99
N GLY B 375 24.16 11.86 4.53
CA GLY B 375 22.76 11.49 4.55
C GLY B 375 22.04 11.89 5.82
N ALA B 376 21.55 10.90 6.58
CA ALA B 376 20.71 11.22 7.73
C ALA B 376 20.55 9.98 8.59
N THR B 377 20.56 10.15 9.90
CA THR B 377 20.28 9.04 10.81
C THR B 377 19.12 9.43 11.72
N PHE B 378 18.08 8.59 11.73
CA PHE B 378 16.95 8.75 12.64
C PHE B 378 16.98 7.63 13.69
N ARG B 379 16.68 7.95 14.92
CA ARG B 379 16.58 7.04 16.03
C ARG B 379 15.26 7.14 16.75
N PHE B 380 14.76 5.99 17.24
CA PHE B 380 13.66 5.95 18.19
C PHE B 380 13.87 4.86 19.23
N THR B 381 13.16 4.99 20.34
CA THR B 381 13.19 4.00 21.41
C THR B 381 11.75 3.52 21.57
N LEU B 382 11.61 2.25 21.96
CA LEU B 382 10.30 1.72 22.28
C LEU B 382 10.35 0.87 23.53
PG ATP C . -14.22 6.74 6.07
O1G ATP C . -14.86 6.23 4.79
O2G ATP C . -13.16 5.81 6.59
O3G ATP C . -13.77 8.16 6.00
PB ATP C . -16.94 6.44 6.76
O1B ATP C . -17.04 5.16 6.01
O2B ATP C . -17.82 6.67 7.94
O3B ATP C . -15.41 6.66 7.14
PA ATP C . -17.90 7.40 4.32
O1A ATP C . -17.13 6.36 3.56
O2A ATP C . -18.19 8.71 3.70
O3A ATP C . -17.15 7.62 5.71
O5' ATP C . -19.25 6.75 4.88
C5' ATP C . -20.00 7.53 5.84
C4' ATP C . -21.30 6.84 6.13
O4' ATP C . -22.02 6.62 4.89
C3' ATP C . -21.20 5.41 6.71
O3' ATP C . -20.93 5.43 8.11
C2' ATP C . -22.60 4.88 6.40
O2' ATP C . -23.54 5.38 7.32
C1' ATP C . -22.87 5.49 5.03
N9 ATP C . -22.57 4.58 3.93
C8 ATP C . -21.71 4.78 2.88
N7 ATP C . -21.69 3.78 2.05
C5 ATP C . -22.59 2.86 2.57
C6 ATP C . -23.01 1.58 2.15
N6 ATP C . -22.57 0.98 1.06
N1 ATP C . -23.94 0.96 2.91
C2 ATP C . -24.39 1.56 4.01
N3 ATP C . -24.06 2.75 4.51
C4 ATP C . -23.15 3.36 3.73
N1 JGC D . 22.08 -15.51 -13.47
C2 JGC D . 21.49 -14.67 -14.39
O2 JGC D . 21.69 -13.47 -14.44
N3 JGC D . 20.66 -15.24 -15.37
C4 JGC D . 20.38 -16.57 -15.50
O4 JGC D . 19.41 -16.97 -16.12
C4A JGC D . 21.42 -17.46 -14.84
N5 JGC D . 20.90 -18.74 -14.50
C5A JGC D . 21.79 -19.56 -13.83
C6 JGC D . 21.71 -20.94 -13.92
C7 JGC D . 22.61 -21.74 -13.23
C7M JGC D . 22.53 -23.23 -13.33
C8 JGC D . 23.60 -21.15 -12.43
C8M JGC D . 24.57 -22.02 -11.68
C9 JGC D . 23.68 -19.76 -12.34
C9A JGC D . 22.78 -18.96 -13.04
N10 JGC D . 22.84 -17.57 -12.94
C10 JGC D . 21.99 -16.79 -13.62
C1' JGC D . 23.79 -16.94 -12.01
C2' JGC D . 25.03 -16.36 -12.62
O2' JGC D . 25.43 -17.27 -13.64
C3' JGC D . 26.16 -16.31 -11.56
O3' JGC D . 26.20 -17.57 -10.89
C4' JGC D . 25.97 -15.22 -10.51
O4' JGC D . 26.39 -13.96 -11.05
C5' JGC D . 26.80 -15.50 -9.23
O5' JGC D . 28.18 -15.61 -9.43
P JGC D . 29.19 -14.24 -9.15
O1P JGC D . 28.97 -13.32 -10.34
O2P JGC D . 30.56 -14.97 -9.12
O3P JGC D . 28.74 -13.71 -7.79
PG ATP E . 5.05 14.32 3.77
O1G ATP E . 5.89 13.13 4.12
O2G ATP E . 3.93 14.02 2.82
O3G ATP E . 4.61 15.10 4.98
PB ATP E . 7.44 15.85 3.49
O1B ATP E . 8.46 14.83 3.22
O2B ATP E . 7.64 17.27 3.08
O3B ATP E . 6.03 15.32 2.99
PA ATP E . 8.05 14.95 6.05
O1A ATP E . 8.07 13.54 5.56
O2A ATP E . 7.67 15.24 7.46
O3A ATP E . 7.14 15.80 5.06
O5' ATP E . 9.44 15.65 5.71
C5' ATP E . 9.43 17.10 5.65
C4' ATP E . 10.84 17.57 5.43
O4' ATP E . 11.71 16.71 6.20
C3' ATP E . 11.38 17.58 4.00
O3' ATP E . 11.88 18.86 3.67
C2' ATP E . 12.50 16.53 4.02
O2' ATP E . 13.59 16.89 3.19
C1' ATP E . 12.91 16.52 5.48
N9 ATP E . 13.47 15.26 5.92
C8 ATP E . 13.17 14.59 7.07
N7 ATP E . 13.82 13.47 7.19
C5 ATP E . 14.60 13.40 6.04
C6 ATP E . 15.51 12.44 5.58
N6 ATP E . 15.81 11.33 6.23
N1 ATP E . 16.11 12.67 4.39
C2 ATP E . 15.80 13.80 3.73
N3 ATP E . 14.95 14.77 4.07
C4 ATP E . 14.38 14.50 5.25
N1 JGC F . -3.47 -29.54 -11.34
C2 JGC F . -3.29 -29.59 -9.99
O2 JGC F . -4.18 -29.52 -9.16
N3 JGC F . -1.97 -29.81 -9.51
C4 JGC F . -0.93 -30.23 -10.27
O4 JGC F . 0.23 -30.22 -9.90
C4A JGC F . -1.31 -30.74 -11.65
N5 JGC F . -0.26 -30.52 -12.57
C5A JGC F . -0.53 -30.82 -13.88
C6 JGC F . 0.46 -31.23 -14.75
C7 JGC F . 0.18 -31.52 -16.07
C7M JGC F . 1.28 -31.95 -16.99
C8 JGC F . -1.14 -31.42 -16.53
C8M JGC F . -1.46 -31.75 -17.96
C9 JGC F . -2.16 -31.03 -15.66
C9A JGC F . -1.86 -30.74 -14.33
N10 JGC F . -2.88 -30.32 -13.43
C10 JGC F . -2.57 -30.08 -12.14
C1' JGC F . -4.24 -30.05 -13.89
C2' JGC F . -5.24 -31.14 -13.51
O2' JGC F . -4.52 -32.38 -13.59
C3' JGC F . -6.38 -31.19 -14.54
O3' JGC F . -5.78 -31.28 -15.84
C4' JGC F . -7.31 -29.97 -14.53
O4' JGC F . -8.35 -30.14 -13.57
C5' JGC F . -7.98 -29.74 -15.91
O5' JGC F . -8.72 -30.84 -16.38
P JGC F . -10.44 -30.89 -16.25
O1P JGC F . -10.74 -31.22 -14.78
O2P JGC F . -10.69 -32.02 -17.23
O3P JGC F . -10.88 -29.51 -16.74
#